data_5V2A
#
_entry.id   5V2A
#
_cell.length_a   207.276
_cell.length_b   207.276
_cell.length_c   207.276
_cell.angle_alpha   90.00
_cell.angle_beta   90.00
_cell.angle_gamma   90.00
#
_symmetry.space_group_name_H-M   'I 21 3'
#
loop_
_entity.id
_entity.type
_entity.pdbx_description
1 polymer Hemagglutinin
2 polymer Hemagglutinin
3 polymer 'Light chain (kappa) of H7.167 antibody'
4 polymer 'Heavy chain of H7.167 antibody'
5 branched beta-D-mannopyranose-(1-4)-2-acetamido-2-deoxy-beta-D-glucopyranose-(1-4)-2-acetamido-2-deoxy-beta-D-glucopyranose
6 non-polymer 2-acetamido-2-deoxy-beta-D-glucopyranose
#
loop_
_entity_poly.entity_id
_entity_poly.type
_entity_poly.pdbx_seq_one_letter_code
_entity_poly.pdbx_strand_id
1 'polypeptide(L)'
;DKICLGHHAVSNGTKVNTLTERGVEVVNATETVERTNIPRICSKGKRTVDLGQCGLLGTITGPPQCDQFLEFSADLIIER
REGSDVCYPGKFVNEEALRQILRESGGIDKEAMGFTYSGIRTNGATSACRRSGSSFYAEMKWLLSNTDNAAFPQMTKSYK
NTRKSPALIVWGIHHSVSTAEQTKLYGSGNKLVTVGSSNYQQSFVPSPGARPQVNGLSGRIDFHWLMLNPNDTVTFSFNG
AFIAPDRASFLRGKSMGIQSGVQVDANCEGDCYHSGGTIISNLPFQNIDSRAVGKCPRYVKQRSLLLATGMKNVPEIPKG
R
;
A
2 'polypeptide(L)'
;GLFGAIAGFIENGWEGLIDGWYGFRHQNAQGEGTAADYKSTQSAIDQITGKLNRLIEKTNQQFELIDNEFNEVEKQIGNV
INWTRDSITEVWSYNAELLVAMENQHTIDLADSEMDKLYERVKRQLRENAEEDGTGCFEIFHKCDDDCMASIRNNTYDHS
KYREEAMQNRIQIDPVSGRLVPR
;
B
3 'polypeptide(L)'
;DIVMTQSPDSLAVSLGERATINCKSSQSVLYSSNNKNYLAWYQQKPGQPPKLLIYWASTRESGVPDRFSGSGSGTDFTLT
ISSLQAEDVAVYYCQQYYSTPGLTFGGGTKVEIKRTVAAPSVFIFPPSDEQLKSGTASVVCLLNNFYPREAKVQWKVDNA
LQSGNSQESVTEQDSKDSTYSLSSTLTLSKADYEKHKVYACEVTHQGLSSPVTKSFNRGEC
;
L
4 'polypeptide(L)'
;QVQLVQSGGGLVQPGGSLRLSCAASGFNFSSYEMNWVRQAPGKGLEWVSYISSSGSTIYYADSVKGRFTISRDNAKNSLY
LQMNSLRAEDTAVYYCRLLWFGELFFDYWGQGTLVTVSSASTKGPSVFPLAPSSKSTSGGTAALGCLVKDYFPEPVTVSW
NSGALTSGVHTFPAVLQSSGLYSLSSVVTVPSSSLGTQTYICNVNHKPSNTKVDKRVEPK
;
H
#
# COMPACT_ATOMS: atom_id res chain seq x y z
N ASP A 1 102.57 -8.73 14.97
CA ASP A 1 101.31 -8.09 15.33
C ASP A 1 100.55 -7.60 14.09
N LYS A 2 99.22 -7.54 14.21
CA LYS A 2 98.32 -7.21 13.09
C LYS A 2 96.91 -6.87 13.58
N ILE A 3 96.37 -5.73 13.15
CA ILE A 3 94.98 -5.34 13.49
C ILE A 3 94.07 -5.34 12.25
N CYS A 4 92.79 -5.69 12.43
CA CYS A 4 91.84 -5.88 11.31
C CYS A 4 90.44 -5.27 11.50
N LEU A 5 89.76 -5.07 10.38
CA LEU A 5 88.37 -4.63 10.35
C LEU A 5 87.50 -5.64 9.58
N GLY A 6 86.24 -5.80 9.99
CA GLY A 6 85.33 -6.74 9.34
C GLY A 6 83.86 -6.48 9.59
N HIS A 7 83.01 -7.24 8.91
CA HIS A 7 81.56 -7.04 9.02
C HIS A 7 80.80 -8.28 9.43
N HIS A 8 79.52 -8.08 9.69
CA HIS A 8 78.75 -9.16 10.23
C HIS A 8 78.18 -9.93 9.02
N ALA A 9 77.92 -11.23 9.20
CA ALA A 9 77.33 -12.09 8.16
C ALA A 9 76.78 -13.41 8.77
N VAL A 10 75.89 -14.11 8.06
CA VAL A 10 75.32 -15.42 8.48
C VAL A 10 75.08 -16.39 7.28
N SER A 11 74.33 -17.47 7.52
CA SER A 11 73.92 -18.38 6.43
C SER A 11 72.42 -18.82 6.50
N ASN A 12 71.64 -18.29 7.46
CA ASN A 12 70.20 -18.54 7.53
C ASN A 12 69.55 -17.28 7.05
N GLY A 13 69.48 -17.20 5.72
CA GLY A 13 69.05 -16.00 5.08
C GLY A 13 67.87 -16.04 4.13
N THR A 14 67.36 -14.83 3.94
CA THR A 14 66.34 -14.61 2.95
C THR A 14 67.07 -13.98 1.78
N LYS A 15 66.32 -13.54 0.78
CA LYS A 15 66.81 -13.04 -0.51
C LYS A 15 65.98 -11.79 -0.83
N VAL A 16 66.58 -10.76 -1.43
CA VAL A 16 65.85 -9.53 -1.76
C VAL A 16 66.20 -9.10 -3.20
N ASN A 17 65.82 -7.88 -3.55
CA ASN A 17 65.93 -7.41 -4.93
C ASN A 17 66.46 -6.00 -4.94
N THR A 18 67.11 -5.67 -6.06
CA THR A 18 67.69 -4.37 -6.30
C THR A 18 67.36 -3.79 -7.67
N LEU A 19 68.28 -2.94 -8.13
CA LEU A 19 68.17 -2.30 -9.45
C LEU A 19 69.00 -2.94 -10.58
N THR A 20 69.95 -3.81 -10.22
CA THR A 20 70.82 -4.40 -11.22
C THR A 20 70.77 -5.94 -11.20
N GLU A 21 70.72 -6.49 -9.97
CA GLU A 21 70.56 -7.94 -9.72
C GLU A 21 69.25 -8.29 -9.06
N ARG A 22 68.97 -9.60 -9.03
CA ARG A 22 67.77 -10.12 -8.43
C ARG A 22 68.05 -11.39 -7.71
N GLY A 23 67.79 -11.35 -6.42
CA GLY A 23 67.92 -12.52 -5.57
C GLY A 23 69.06 -12.52 -4.59
N VAL A 24 69.61 -11.36 -4.29
CA VAL A 24 70.73 -11.25 -3.37
C VAL A 24 70.33 -11.52 -1.90
N GLU A 25 71.17 -12.25 -1.15
CA GLU A 25 70.99 -12.48 0.31
C GLU A 25 71.52 -11.37 1.27
N VAL A 26 70.75 -11.07 2.32
CA VAL A 26 71.05 -9.99 3.28
C VAL A 26 70.96 -10.40 4.76
N VAL A 27 71.14 -9.42 5.66
CA VAL A 27 71.16 -9.66 7.11
C VAL A 27 69.77 -9.91 7.73
N ASN A 28 68.87 -8.96 7.59
CA ASN A 28 67.63 -9.05 8.32
C ASN A 28 66.75 -8.36 7.30
N ALA A 29 65.61 -8.97 7.01
CA ALA A 29 64.76 -8.39 6.00
C ALA A 29 63.40 -8.04 6.60
N THR A 30 62.63 -7.31 5.81
CA THR A 30 61.28 -6.96 6.17
C THR A 30 60.31 -6.95 4.93
N GLU A 31 59.04 -7.34 5.16
CA GLU A 31 57.98 -7.46 4.14
C GLU A 31 57.41 -6.07 3.85
N THR A 32 56.91 -5.83 2.65
CA THR A 32 56.29 -4.53 2.38
C THR A 32 54.87 -4.60 1.82
N VAL A 33 54.55 -5.76 1.27
CA VAL A 33 53.25 -6.05 0.70
C VAL A 33 52.53 -6.98 1.63
N GLU A 34 51.32 -6.60 1.99
CA GLU A 34 50.56 -7.37 2.94
C GLU A 34 49.91 -8.61 2.32
N ARG A 35 49.92 -9.70 3.10
CA ARG A 35 49.30 -10.92 2.65
C ARG A 35 48.33 -11.53 3.65
N THR A 36 48.47 -11.13 4.91
CA THR A 36 47.63 -11.60 6.04
C THR A 36 46.27 -10.88 6.19
N ASN A 37 45.17 -11.62 6.09
CA ASN A 37 43.77 -11.08 6.13
C ASN A 37 42.96 -11.38 7.39
N ILE A 38 42.73 -10.39 8.24
CA ILE A 38 41.79 -10.56 9.34
C ILE A 38 40.37 -10.69 8.75
N PRO A 39 39.70 -11.86 8.94
CA PRO A 39 38.39 -12.15 8.31
C PRO A 39 37.13 -11.49 8.91
N ARG A 40 37.31 -10.86 10.05
CA ARG A 40 36.20 -10.25 10.74
C ARG A 40 36.24 -8.80 10.35
N ILE A 41 35.23 -8.05 10.75
CA ILE A 41 35.16 -6.63 10.47
C ILE A 41 35.33 -5.79 11.78
N CYS A 42 36.49 -5.16 11.95
CA CYS A 42 36.81 -4.43 13.20
C CYS A 42 36.09 -3.13 13.37
N SER A 43 35.38 -3.02 14.48
CA SER A 43 34.57 -1.84 14.78
C SER A 43 34.65 -1.46 16.24
N LYS A 44 35.62 -0.61 16.55
CA LYS A 44 35.67 -0.10 17.89
C LYS A 44 35.73 1.43 17.80
N GLY A 45 35.14 2.09 18.80
CA GLY A 45 35.06 3.54 18.88
C GLY A 45 34.09 4.22 17.95
N LYS A 46 33.24 3.42 17.29
CA LYS A 46 32.20 3.85 16.34
C LYS A 46 30.93 2.97 16.41
N ARG A 47 29.76 3.62 16.52
CA ARG A 47 28.47 2.92 16.56
C ARG A 47 28.19 2.26 15.21
N THR A 48 27.49 1.12 15.21
CA THR A 48 27.30 0.33 13.99
C THR A 48 25.96 -0.41 13.89
N VAL A 49 25.43 -0.58 12.67
CA VAL A 49 24.29 -1.48 12.44
C VAL A 49 24.60 -2.42 11.29
N ASP A 50 23.87 -3.53 11.27
CA ASP A 50 23.94 -4.56 10.23
C ASP A 50 22.54 -4.92 9.76
N LEU A 51 22.34 -4.96 8.45
CA LEU A 51 21.04 -5.18 7.86
C LEU A 51 20.72 -6.66 7.68
N GLY A 52 21.65 -7.40 7.12
CA GLY A 52 21.44 -8.80 6.85
C GLY A 52 20.43 -8.96 5.74
N GLN A 53 19.21 -9.37 6.09
CA GLN A 53 18.17 -9.46 5.08
C GLN A 53 17.59 -8.14 4.59
N CYS A 54 17.86 -7.05 5.31
CA CYS A 54 17.39 -5.73 4.89
C CYS A 54 18.39 -5.21 3.90
N GLY A 55 17.86 -4.54 2.90
CA GLY A 55 18.68 -3.82 1.95
C GLY A 55 18.79 -2.40 2.46
N LEU A 56 19.83 -1.71 1.99
CA LEU A 56 20.08 -0.33 2.39
C LEU A 56 18.95 0.60 2.05
N LEU A 57 18.29 0.30 0.94
CA LEU A 57 17.11 1.03 0.53
C LEU A 57 15.86 0.51 1.21
N GLY A 58 15.98 -0.62 1.92
CA GLY A 58 14.83 -1.09 2.67
C GLY A 58 14.50 -0.23 3.88
N THR A 59 15.45 0.53 4.42
CA THR A 59 15.12 1.43 5.52
C THR A 59 14.29 2.65 5.05
N ILE A 60 14.24 2.90 3.75
CA ILE A 60 13.50 4.05 3.22
C ILE A 60 12.06 3.74 2.89
N THR A 61 11.81 2.52 2.44
CA THR A 61 10.43 2.10 2.22
C THR A 61 9.98 1.34 3.46
N GLY A 62 10.86 0.50 3.98
CA GLY A 62 10.53 -0.20 5.21
C GLY A 62 9.59 -1.37 4.99
N PRO A 63 10.07 -2.43 4.35
CA PRO A 63 9.28 -3.66 4.28
C PRO A 63 9.15 -4.19 5.69
N PRO A 64 8.34 -5.24 5.87
CA PRO A 64 8.13 -5.83 7.20
C PRO A 64 9.42 -6.35 7.89
N GLN A 65 10.60 -6.06 7.32
CA GLN A 65 11.87 -6.48 7.91
C GLN A 65 12.75 -5.33 8.45
N CYS A 66 12.57 -4.12 7.95
CA CYS A 66 13.40 -3.01 8.40
C CYS A 66 12.66 -2.06 9.34
N ASP A 67 11.82 -2.62 10.20
CA ASP A 67 11.01 -1.79 11.09
C ASP A 67 11.72 -1.12 12.30
N GLN A 68 12.96 -1.53 12.58
CA GLN A 68 13.81 -0.97 13.63
C GLN A 68 14.87 0.02 13.08
N PHE A 69 15.10 -0.09 11.77
CA PHE A 69 15.98 0.80 11.03
C PHE A 69 15.23 1.82 10.27
N LEU A 70 13.95 1.96 10.55
CA LEU A 70 13.23 3.11 10.08
C LEU A 70 14.01 4.37 10.54
N GLU A 71 14.31 4.44 11.83
CA GLU A 71 15.23 5.45 12.35
C GLU A 71 16.36 4.68 13.04
N PHE A 72 17.38 4.41 12.26
CA PHE A 72 18.55 3.78 12.80
C PHE A 72 19.63 4.83 12.86
N SER A 73 20.20 4.94 14.03
CA SER A 73 21.32 5.81 14.28
C SER A 73 22.63 4.98 14.20
N ALA A 74 23.56 5.35 13.30
CA ALA A 74 24.81 4.57 13.04
C ALA A 74 26.03 5.36 12.42
N ASP A 75 27.28 4.95 12.75
CA ASP A 75 28.50 5.46 12.08
C ASP A 75 29.07 4.49 11.04
N LEU A 76 28.38 3.36 10.86
CA LEU A 76 28.87 2.28 10.00
C LEU A 76 27.79 1.32 9.52
N ILE A 77 27.93 0.93 8.26
CA ILE A 77 26.96 0.08 7.60
C ILE A 77 27.52 -1.18 6.94
N ILE A 78 26.79 -2.27 7.07
CA ILE A 78 27.19 -3.52 6.50
C ILE A 78 26.08 -3.99 5.59
N GLU A 79 26.46 -4.52 4.44
CA GLU A 79 25.48 -5.00 3.48
C GLU A 79 25.65 -6.50 3.23
N ARG A 80 24.55 -7.21 3.03
CA ARG A 80 24.65 -8.64 2.96
C ARG A 80 24.17 -9.19 1.65
N ARG A 81 24.47 -10.45 1.40
CA ARG A 81 24.08 -11.12 0.17
C ARG A 81 22.59 -11.40 0.08
N GLU A 82 21.88 -11.14 1.17
CA GLU A 82 20.45 -11.40 1.16
C GLU A 82 19.64 -10.12 1.37
N GLY A 83 20.30 -8.98 1.19
CA GLY A 83 19.59 -7.73 1.35
C GLY A 83 18.62 -7.56 0.19
N SER A 84 17.39 -7.24 0.56
CA SER A 84 16.30 -7.05 -0.39
C SER A 84 15.57 -5.78 0.04
N ASP A 85 15.58 -4.83 -0.89
CA ASP A 85 14.91 -3.55 -0.78
C ASP A 85 13.40 -3.64 -0.98
N VAL A 86 12.89 -4.84 -1.23
CA VAL A 86 11.56 -4.98 -1.79
C VAL A 86 10.89 -6.23 -1.24
N CYS A 87 9.60 -6.12 -0.97
CA CYS A 87 8.82 -7.29 -0.71
C CYS A 87 7.80 -7.51 -1.83
N TYR A 88 7.03 -6.46 -2.17
CA TYR A 88 6.24 -6.45 -3.39
C TYR A 88 7.23 -6.17 -4.51
N PRO A 89 7.34 -7.13 -5.46
CA PRO A 89 8.40 -7.15 -6.44
C PRO A 89 8.49 -5.86 -7.16
N GLY A 90 9.71 -5.51 -7.47
CA GLY A 90 9.96 -4.27 -8.12
C GLY A 90 11.42 -3.97 -8.01
N LYS A 91 11.72 -2.77 -8.41
CA LYS A 91 13.07 -2.34 -8.45
C LYS A 91 13.00 -0.86 -8.45
N PHE A 92 13.96 -0.29 -7.77
CA PHE A 92 14.10 1.13 -7.77
C PHE A 92 14.63 1.53 -9.14
N VAL A 93 14.60 2.83 -9.37
CA VAL A 93 15.18 3.42 -10.54
C VAL A 93 16.31 4.31 -9.98
N ASN A 94 17.52 4.12 -10.50
CA ASN A 94 18.79 4.69 -9.98
C ASN A 94 19.05 4.32 -8.52
N GLU A 95 19.00 3.01 -8.30
CA GLU A 95 19.08 2.45 -6.97
C GLU A 95 20.47 2.50 -6.30
N GLU A 96 21.52 2.16 -7.06
CA GLU A 96 22.90 2.15 -6.56
C GLU A 96 23.42 3.53 -6.12
N ALA A 97 22.93 4.56 -6.78
CA ALA A 97 23.26 5.93 -6.44
C ALA A 97 22.82 6.28 -5.06
N LEU A 98 21.64 5.81 -4.73
CA LEU A 98 21.10 6.04 -3.42
C LEU A 98 21.90 5.31 -2.31
N ARG A 99 22.49 4.15 -2.61
CA ARG A 99 23.28 3.45 -1.60
C ARG A 99 24.49 4.27 -1.21
N GLN A 100 25.26 4.75 -2.19
CA GLN A 100 26.51 5.46 -1.94
C GLN A 100 26.25 6.73 -1.15
N ILE A 101 25.11 7.35 -1.39
CA ILE A 101 24.77 8.48 -0.58
C ILE A 101 24.37 8.00 0.80
N LEU A 102 23.58 6.93 0.81
CA LEU A 102 23.15 6.33 2.06
C LEU A 102 24.26 5.60 2.78
N ARG A 103 25.24 5.12 2.04
CA ARG A 103 26.40 4.49 2.66
C ARG A 103 27.10 5.48 3.61
N GLU A 104 27.05 6.76 3.26
CA GLU A 104 27.68 7.81 4.04
C GLU A 104 26.73 8.79 4.80
N SER A 105 25.47 8.38 5.00
CA SER A 105 24.42 9.23 5.62
C SER A 105 24.36 9.26 7.18
N GLY A 106 25.09 8.37 7.86
CA GLY A 106 25.03 8.29 9.32
C GLY A 106 23.72 7.92 10.00
N GLY A 107 22.74 7.47 9.22
CA GLY A 107 21.39 7.23 9.73
C GLY A 107 20.29 8.14 9.20
N ILE A 108 19.05 7.74 9.39
CA ILE A 108 17.93 8.55 8.92
C ILE A 108 16.94 8.90 9.99
N ASP A 109 16.54 10.17 9.96
CA ASP A 109 15.53 10.67 10.87
C ASP A 109 14.20 10.78 10.19
N LYS A 110 13.36 9.79 10.46
CA LYS A 110 12.06 9.79 9.87
C LYS A 110 11.26 10.93 10.45
N GLU A 111 10.87 11.83 9.55
CA GLU A 111 9.98 12.93 9.88
C GLU A 111 8.72 12.68 9.05
N ALA A 112 7.56 12.69 9.70
CA ALA A 112 6.28 12.45 9.05
C ALA A 112 5.94 13.52 8.00
N MET A 113 5.52 13.06 6.82
CA MET A 113 5.18 13.91 5.69
C MET A 113 3.79 14.50 5.73
N GLY A 114 2.79 13.71 6.13
CA GLY A 114 1.44 14.19 6.35
C GLY A 114 0.47 14.28 5.20
N PHE A 115 0.22 13.16 4.57
CA PHE A 115 -0.77 13.13 3.51
C PHE A 115 -2.10 12.57 3.97
N THR A 116 -3.16 13.35 3.75
CA THR A 116 -4.48 12.90 4.17
C THR A 116 -5.36 12.40 3.03
N TYR A 117 -5.69 11.13 3.11
CA TYR A 117 -6.40 10.51 2.03
C TYR A 117 -7.87 10.52 2.34
N SER A 118 -8.56 10.96 1.31
CA SER A 118 -9.94 11.39 1.43
C SER A 118 -10.93 10.31 1.01
N GLY A 119 -11.11 10.24 -0.32
CA GLY A 119 -12.09 9.38 -0.95
C GLY A 119 -11.56 8.05 -1.44
N ILE A 120 -10.58 7.52 -0.72
CA ILE A 120 -9.94 6.26 -1.04
C ILE A 120 -9.65 5.46 0.22
N ARG A 121 -8.73 4.54 0.02
CA ARG A 121 -8.26 3.75 1.09
C ARG A 121 -6.80 4.06 1.25
N THR A 122 -6.26 3.68 2.37
CA THR A 122 -4.86 3.83 2.60
C THR A 122 -4.33 2.50 2.99
N ASN A 123 -5.25 1.69 3.48
CA ASN A 123 -4.93 0.43 4.11
C ASN A 123 -4.39 -0.62 3.17
N GLY A 124 -4.15 -0.23 1.93
CA GLY A 124 -3.75 -1.12 0.86
C GLY A 124 -2.82 -2.22 1.31
N ALA A 125 -3.16 -3.45 0.94
CA ALA A 125 -2.43 -4.58 1.44
C ALA A 125 -2.37 -5.68 0.41
N THR A 126 -1.34 -6.51 0.50
CA THR A 126 -1.21 -7.62 -0.41
C THR A 126 -0.61 -8.74 0.39
N SER A 127 -0.49 -9.90 -0.24
CA SER A 127 0.02 -11.11 0.39
C SER A 127 1.56 -11.22 0.55
N ALA A 128 2.35 -10.44 -0.20
CA ALA A 128 3.81 -10.57 -0.11
C ALA A 128 4.37 -9.83 1.08
N CYS A 129 4.00 -8.56 1.19
CA CYS A 129 4.50 -7.69 2.24
C CYS A 129 3.77 -7.79 3.55
N ARG A 130 3.83 -8.99 4.08
CA ARG A 130 3.07 -9.37 5.25
C ARG A 130 3.72 -8.90 6.56
N ARG A 131 2.95 -8.14 7.33
CA ARG A 131 3.25 -7.91 8.74
C ARG A 131 2.01 -8.31 9.51
N SER A 132 2.18 -9.32 10.38
CA SER A 132 1.06 -10.05 10.98
C SER A 132 0.33 -10.84 9.87
N GLY A 133 -0.62 -10.26 9.11
CA GLY A 133 -1.29 -11.01 8.04
C GLY A 133 -0.92 -10.62 6.61
N SER A 134 -1.47 -9.49 6.19
CA SER A 134 -1.20 -8.91 4.90
C SER A 134 -1.33 -7.43 5.04
N SER A 135 -0.19 -6.80 4.89
CA SER A 135 -0.09 -5.38 5.00
C SER A 135 0.76 -4.95 3.83
N PHE A 136 1.41 -3.82 4.01
CA PHE A 136 2.21 -3.24 2.97
C PHE A 136 3.52 -2.74 3.58
N TYR A 137 4.31 -2.00 2.82
CA TYR A 137 5.49 -1.32 3.36
C TYR A 137 5.05 -0.38 4.49
N ALA A 138 5.90 -0.18 5.51
CA ALA A 138 5.54 0.57 6.70
C ALA A 138 5.24 2.02 6.39
N GLU A 139 6.18 2.69 5.71
CA GLU A 139 6.07 4.12 5.42
C GLU A 139 5.46 4.43 4.07
N MET A 140 4.62 3.52 3.60
CA MET A 140 3.97 3.62 2.31
C MET A 140 2.49 3.22 2.35
N LYS A 141 1.59 4.16 2.11
CA LYS A 141 0.19 3.79 1.95
C LYS A 141 -0.10 3.32 0.54
N TRP A 142 -0.50 2.08 0.41
CA TRP A 142 -0.90 1.59 -0.88
C TRP A 142 -2.27 2.14 -1.08
N LEU A 143 -2.36 3.15 -1.93
CA LEU A 143 -3.61 3.87 -2.12
C LEU A 143 -4.49 3.13 -3.06
N LEU A 144 -5.31 2.21 -2.57
CA LEU A 144 -6.23 1.51 -3.49
C LEU A 144 -7.31 2.52 -3.89
N SER A 145 -8.31 2.09 -4.63
CA SER A 145 -9.41 2.96 -4.99
C SER A 145 -10.22 2.99 -3.73
N ASN A 146 -11.40 3.52 -3.82
CA ASN A 146 -12.31 3.52 -2.70
C ASN A 146 -12.81 2.13 -2.24
N THR A 147 -13.05 1.20 -3.19
CA THR A 147 -13.55 -0.15 -2.88
C THR A 147 -12.66 -1.24 -3.45
N ASP A 148 -12.95 -1.64 -4.69
CA ASP A 148 -12.09 -2.61 -5.35
C ASP A 148 -12.14 -2.42 -6.88
N ASN A 149 -12.43 -1.20 -7.34
CA ASN A 149 -12.58 -0.90 -8.78
C ASN A 149 -12.95 0.56 -8.96
N ALA A 150 -13.28 1.21 -7.85
CA ALA A 150 -14.01 2.46 -7.91
C ALA A 150 -13.23 3.57 -8.48
N ALA A 151 -13.90 4.70 -8.51
CA ALA A 151 -13.37 5.86 -9.19
C ALA A 151 -12.31 6.38 -8.27
N PHE A 152 -11.09 6.43 -8.79
CA PHE A 152 -10.00 6.99 -8.05
C PHE A 152 -9.90 8.40 -8.55
N PRO A 153 -10.44 9.37 -7.79
CA PRO A 153 -10.54 10.73 -8.32
C PRO A 153 -9.20 11.38 -8.50
N GLN A 154 -9.17 12.56 -9.11
CA GLN A 154 -7.90 13.25 -9.33
C GLN A 154 -7.39 14.04 -8.14
N MET A 155 -6.32 13.54 -7.53
CA MET A 155 -5.80 14.13 -6.33
C MET A 155 -4.44 14.82 -6.56
N THR A 156 -4.03 15.61 -5.57
CA THR A 156 -2.76 16.35 -5.61
C THR A 156 -2.29 16.74 -4.18
N LYS A 157 -1.09 16.31 -3.82
CA LYS A 157 -0.50 16.63 -2.52
C LYS A 157 0.92 17.27 -2.70
N SER A 158 1.37 18.00 -1.67
CA SER A 158 2.67 18.72 -1.65
C SER A 158 3.29 18.66 -0.25
N TYR A 159 4.61 18.74 -0.17
CA TYR A 159 5.31 18.67 1.11
C TYR A 159 6.44 19.71 1.10
N LYS A 160 6.81 20.24 2.27
CA LYS A 160 7.84 21.29 2.34
C LYS A 160 8.91 20.99 3.35
N ASN A 161 10.14 21.41 3.08
CA ASN A 161 11.20 21.12 4.03
C ASN A 161 11.47 22.29 4.99
N THR A 162 11.43 22.00 6.28
CA THR A 162 11.56 23.02 7.31
C THR A 162 12.87 22.88 8.04
N ARG A 163 13.82 22.17 7.43
CA ARG A 163 15.09 21.90 8.10
C ARG A 163 16.20 22.36 7.17
N LYS A 164 17.32 22.69 7.81
CA LYS A 164 18.51 23.15 7.15
C LYS A 164 19.11 21.99 6.29
N SER A 165 18.63 20.74 6.47
CA SER A 165 19.20 19.60 5.71
C SER A 165 18.23 19.24 4.62
N PRO A 166 18.70 18.56 3.56
CA PRO A 166 17.79 18.08 2.52
C PRO A 166 17.10 16.76 2.90
N ALA A 167 15.98 16.56 2.23
CA ALA A 167 15.09 15.44 2.50
C ALA A 167 15.04 14.41 1.39
N LEU A 168 14.76 13.18 1.79
CA LEU A 168 14.64 12.06 0.88
C LEU A 168 13.22 11.64 0.55
N ILE A 169 12.87 11.85 -0.70
CA ILE A 169 11.50 11.63 -1.14
C ILE A 169 11.38 10.42 -2.06
N VAL A 170 10.55 9.47 -1.64
CA VAL A 170 10.40 8.20 -2.35
C VAL A 170 8.93 7.91 -2.56
N TRP A 171 8.62 7.61 -3.79
CA TRP A 171 7.28 7.19 -4.17
C TRP A 171 7.44 6.00 -5.04
N GLY A 172 6.39 5.67 -5.77
CA GLY A 172 6.49 4.54 -6.65
C GLY A 172 5.31 4.50 -7.54
N ILE A 173 5.46 3.86 -8.69
CA ILE A 173 4.37 3.63 -9.62
C ILE A 173 3.95 2.19 -9.43
N HIS A 174 2.67 1.90 -9.56
CA HIS A 174 2.26 0.52 -9.52
C HIS A 174 1.95 0.08 -10.92
N HIS A 175 2.91 -0.56 -11.55
CA HIS A 175 2.61 -1.14 -12.83
C HIS A 175 1.85 -2.39 -12.55
N SER A 176 0.59 -2.33 -12.92
CA SER A 176 -0.29 -3.43 -12.62
C SER A 176 -0.05 -4.59 -13.59
N VAL A 177 -0.32 -5.83 -13.15
CA VAL A 177 -0.07 -7.03 -13.95
C VAL A 177 -0.90 -7.13 -15.22
N SER A 178 -2.08 -6.58 -15.21
CA SER A 178 -2.93 -6.61 -16.38
C SER A 178 -3.47 -5.22 -16.59
N THR A 179 -4.39 -5.04 -17.55
CA THR A 179 -5.15 -3.79 -17.64
C THR A 179 -6.39 -3.83 -16.73
N ALA A 180 -6.78 -5.03 -16.31
CA ALA A 180 -7.87 -5.14 -15.37
C ALA A 180 -7.42 -4.94 -13.96
N GLU A 181 -6.27 -5.48 -13.62
CA GLU A 181 -5.76 -5.34 -12.27
C GLU A 181 -5.32 -3.92 -12.08
N GLN A 182 -5.15 -3.19 -13.19
CA GLN A 182 -5.05 -1.75 -13.05
C GLN A 182 -6.43 -1.17 -12.72
N THR A 183 -7.50 -1.81 -13.18
CA THR A 183 -8.83 -1.37 -12.73
C THR A 183 -9.19 -1.92 -11.31
N LYS A 184 -8.63 -3.07 -10.95
CA LYS A 184 -8.91 -3.72 -9.65
C LYS A 184 -8.55 -2.88 -8.46
N LEU A 185 -7.64 -1.97 -8.68
CA LEU A 185 -7.19 -1.17 -7.58
C LEU A 185 -7.37 0.30 -7.87
N TYR A 186 -7.51 0.64 -9.15
CA TYR A 186 -7.73 2.05 -9.44
C TYR A 186 -8.82 2.21 -10.48
N GLY A 187 -9.18 3.43 -10.80
CA GLY A 187 -10.21 3.60 -11.78
C GLY A 187 -9.72 3.05 -13.12
N SER A 188 -10.62 2.95 -14.10
CA SER A 188 -10.30 2.68 -15.51
C SER A 188 -9.81 3.94 -16.25
N GLY A 189 -9.27 3.81 -17.46
CA GLY A 189 -8.67 4.92 -18.21
C GLY A 189 -7.20 5.22 -17.93
N ASN A 190 -6.49 5.92 -18.83
CA ASN A 190 -5.04 6.06 -18.61
C ASN A 190 -4.64 6.97 -17.44
N LYS A 191 -3.55 6.58 -16.75
CA LYS A 191 -3.01 7.31 -15.59
C LYS A 191 -1.63 7.96 -15.84
N LEU A 192 -1.42 9.19 -15.33
CA LEU A 192 -0.13 9.89 -15.48
C LEU A 192 0.29 10.47 -14.14
N VAL A 193 1.36 9.98 -13.54
CA VAL A 193 1.80 10.58 -12.29
C VAL A 193 3.00 11.45 -12.64
N THR A 194 2.77 12.75 -12.68
CA THR A 194 3.82 13.71 -13.00
C THR A 194 4.14 14.51 -11.73
N VAL A 195 5.43 14.65 -11.50
CA VAL A 195 5.97 15.31 -10.34
C VAL A 195 6.45 16.71 -10.76
N GLY A 196 6.73 17.54 -9.77
CA GLY A 196 7.15 18.90 -10.02
C GLY A 196 8.10 19.45 -9.00
N SER A 197 9.06 20.25 -9.45
CA SER A 197 9.98 20.93 -8.56
C SER A 197 10.53 22.04 -9.45
N SER A 198 11.21 22.98 -8.81
CA SER A 198 11.82 24.14 -9.48
C SER A 198 12.97 23.75 -10.48
N ASN A 199 13.50 22.53 -10.32
CA ASN A 199 14.52 21.99 -11.21
C ASN A 199 14.31 20.48 -11.48
N TYR A 200 13.12 19.95 -11.16
CA TYR A 200 12.81 18.55 -11.48
C TYR A 200 11.35 18.55 -12.00
N GLN A 201 11.19 18.07 -13.22
CA GLN A 201 9.91 18.01 -13.83
C GLN A 201 9.82 16.69 -14.62
N GLN A 202 9.04 15.73 -14.12
CA GLN A 202 8.96 14.41 -14.77
C GLN A 202 7.51 13.97 -15.02
N SER A 203 7.38 12.83 -15.65
CA SER A 203 6.10 12.28 -16.00
C SER A 203 6.26 10.80 -16.23
N PHE A 204 5.46 10.04 -15.51
CA PHE A 204 5.49 8.59 -15.58
C PHE A 204 4.17 8.11 -16.03
N VAL A 205 4.21 7.00 -16.71
CA VAL A 205 2.99 6.44 -17.10
C VAL A 205 3.20 5.07 -16.56
N PRO A 206 2.19 4.55 -15.85
CA PRO A 206 2.19 3.17 -15.38
C PRO A 206 2.23 2.23 -16.57
N SER A 207 2.93 1.13 -16.43
CA SER A 207 3.11 0.24 -17.57
C SER A 207 2.34 -1.07 -17.32
N PRO A 208 1.07 -1.17 -17.80
CA PRO A 208 0.35 -2.43 -17.56
C PRO A 208 0.83 -3.46 -18.55
N GLY A 209 1.38 -4.55 -18.01
CA GLY A 209 1.92 -5.64 -18.80
C GLY A 209 2.29 -6.89 -18.00
N ALA A 210 2.13 -8.04 -18.66
CA ALA A 210 2.44 -9.32 -18.05
C ALA A 210 3.90 -9.46 -17.70
N ARG A 211 4.15 -10.31 -16.70
CA ARG A 211 5.45 -10.34 -16.08
C ARG A 211 5.75 -11.66 -15.50
N PRO A 212 6.99 -11.83 -15.07
CA PRO A 212 7.16 -13.01 -14.23
C PRO A 212 6.52 -12.90 -12.79
N GLN A 213 6.16 -14.05 -12.20
CA GLN A 213 5.56 -14.02 -10.89
C GLN A 213 6.71 -14.05 -9.96
N VAL A 214 6.82 -12.98 -9.19
CA VAL A 214 7.79 -12.89 -8.13
C VAL A 214 6.96 -12.79 -6.86
N ASN A 215 7.21 -13.68 -5.89
CA ASN A 215 6.41 -13.68 -4.67
C ASN A 215 4.89 -13.91 -4.93
N GLY A 216 4.56 -14.72 -5.95
CA GLY A 216 3.17 -14.98 -6.33
C GLY A 216 2.46 -13.85 -7.09
N LEU A 217 3.11 -12.69 -7.11
CA LEU A 217 2.59 -11.52 -7.77
C LEU A 217 3.27 -11.32 -9.10
N SER A 218 2.53 -10.83 -10.10
CA SER A 218 3.15 -10.59 -11.39
C SER A 218 3.26 -9.10 -11.62
N GLY A 219 2.33 -8.33 -11.05
CA GLY A 219 2.46 -6.88 -11.08
C GLY A 219 3.60 -6.37 -10.27
N ARG A 220 4.10 -5.20 -10.69
CA ARG A 220 5.31 -4.62 -10.09
C ARG A 220 5.16 -3.22 -9.56
N ILE A 221 6.14 -2.89 -8.75
CA ILE A 221 6.19 -1.58 -8.20
C ILE A 221 7.56 -1.03 -8.35
N ASP A 222 7.68 -0.03 -9.21
CA ASP A 222 8.96 0.67 -9.47
C ASP A 222 9.04 1.91 -8.64
N PHE A 223 9.96 1.93 -7.68
CA PHE A 223 10.05 3.03 -6.76
C PHE A 223 11.04 4.12 -7.17
N HIS A 224 10.61 5.39 -7.30
CA HIS A 224 11.50 6.51 -7.69
C HIS A 224 11.86 7.34 -6.48
N TRP A 225 12.65 8.36 -6.73
CA TRP A 225 13.12 9.26 -5.68
C TRP A 225 13.73 10.52 -6.27
N LEU A 226 13.65 11.59 -5.53
CA LEU A 226 14.37 12.80 -5.85
C LEU A 226 14.87 13.37 -4.55
N MET A 227 15.55 14.52 -4.64
CA MET A 227 16.04 15.24 -3.45
C MET A 227 15.63 16.70 -3.32
N LEU A 228 14.77 16.93 -2.32
CA LEU A 228 14.24 18.24 -1.98
C LEU A 228 15.14 19.10 -1.11
N ASN A 229 15.64 20.18 -1.69
CA ASN A 229 16.52 21.10 -0.99
C ASN A 229 15.81 21.80 0.19
N PRO A 230 16.57 22.29 1.18
CA PRO A 230 15.92 22.99 2.29
C PRO A 230 15.14 24.18 1.78
N ASN A 231 14.00 24.49 2.40
CA ASN A 231 13.19 25.66 2.07
C ASN A 231 12.55 25.55 0.65
N ASP A 232 12.05 24.36 0.28
CA ASP A 232 11.37 24.13 -1.03
C ASP A 232 10.33 23.04 -0.81
N THR A 233 9.68 22.66 -1.92
CA THR A 233 8.49 21.80 -1.94
C THR A 233 8.53 20.74 -3.02
N VAL A 234 7.61 19.79 -2.92
CA VAL A 234 7.38 18.81 -3.99
C VAL A 234 5.90 18.64 -4.30
N THR A 235 5.57 18.31 -5.54
CA THR A 235 4.17 18.20 -5.99
C THR A 235 3.88 17.04 -6.89
N PHE A 236 2.84 16.34 -6.48
CA PHE A 236 2.35 15.18 -7.17
C PHE A 236 0.96 15.41 -7.76
N SER A 237 0.79 15.17 -9.04
CA SER A 237 -0.55 15.19 -9.60
C SER A 237 -0.76 13.83 -10.24
N PHE A 238 -1.88 13.19 -9.90
CA PHE A 238 -2.10 11.79 -10.24
C PHE A 238 -3.57 11.39 -10.12
N ASN A 239 -3.88 10.18 -10.53
CA ASN A 239 -5.20 9.62 -10.31
C ASN A 239 -5.20 8.11 -10.24
N GLY A 240 -3.99 7.57 -10.22
CA GLY A 240 -3.80 6.13 -10.23
C GLY A 240 -2.39 5.59 -9.98
N ALA A 241 -2.40 4.28 -9.70
CA ALA A 241 -1.22 3.44 -9.63
C ALA A 241 -0.18 4.13 -8.80
N PHE A 242 -0.61 4.62 -7.64
CA PHE A 242 0.31 5.38 -6.86
C PHE A 242 0.51 4.70 -5.50
N ILE A 243 1.80 4.50 -5.20
CA ILE A 243 2.22 4.08 -3.89
C ILE A 243 2.78 5.23 -3.12
N ALA A 244 1.96 5.70 -2.18
CA ALA A 244 2.22 6.95 -1.54
C ALA A 244 3.26 6.85 -0.47
N PRO A 245 3.99 7.94 -0.27
CA PRO A 245 4.92 8.09 0.85
C PRO A 245 4.25 8.67 2.14
N ASP A 246 4.53 8.12 3.35
CA ASP A 246 4.01 8.63 4.66
C ASP A 246 5.06 9.43 5.30
N ARG A 247 6.29 8.95 5.23
CA ARG A 247 7.37 9.66 5.89
C ARG A 247 8.64 9.75 4.99
N ALA A 248 9.30 10.92 5.06
CA ALA A 248 10.49 11.20 4.26
C ALA A 248 11.73 11.24 5.15
N SER A 249 12.78 10.53 4.71
CA SER A 249 14.04 10.47 5.46
C SER A 249 14.78 11.79 5.46
N PHE A 250 15.61 11.93 6.46
CA PHE A 250 16.49 13.05 6.64
C PHE A 250 17.82 12.51 7.08
N LEU A 251 18.81 12.72 6.22
CA LEU A 251 20.16 12.21 6.47
C LEU A 251 20.75 12.79 7.76
N ARG A 252 21.34 11.92 8.59
CA ARG A 252 21.84 12.37 9.89
C ARG A 252 23.28 12.93 9.89
N GLY A 253 24.17 12.42 9.04
CA GLY A 253 25.54 12.95 9.04
C GLY A 253 26.51 12.11 8.25
N LYS A 254 27.59 11.68 8.92
CA LYS A 254 28.67 10.96 8.22
C LYS A 254 28.82 9.51 8.76
N SER A 255 28.96 8.57 7.83
CA SER A 255 29.23 7.14 8.11
C SER A 255 29.83 6.43 6.89
N MET A 256 29.83 5.11 6.91
CA MET A 256 30.33 4.37 5.75
C MET A 256 29.64 3.02 5.56
N GLY A 257 29.28 2.72 4.33
CA GLY A 257 28.71 1.43 4.04
C GLY A 257 29.68 0.59 3.22
N ILE A 258 29.71 -0.70 3.52
CA ILE A 258 30.59 -1.59 2.82
C ILE A 258 29.83 -2.83 2.50
N GLN A 259 30.57 -3.83 2.08
CA GLN A 259 30.01 -5.14 1.83
C GLN A 259 31.01 -6.15 2.30
N SER A 260 30.47 -7.23 2.78
CA SER A 260 31.25 -8.35 3.24
C SER A 260 30.24 -9.46 3.34
N GLY A 261 30.73 -10.69 3.43
CA GLY A 261 29.88 -11.84 3.64
C GLY A 261 30.39 -12.59 4.83
N VAL A 262 30.88 -11.89 5.86
CA VAL A 262 31.51 -12.59 6.95
C VAL A 262 30.94 -12.01 8.27
N GLN A 263 31.53 -12.35 9.41
CA GLN A 263 31.00 -11.91 10.70
C GLN A 263 31.70 -10.68 11.12
N VAL A 264 31.19 -10.13 12.21
CA VAL A 264 31.76 -8.93 12.79
C VAL A 264 32.63 -9.15 14.02
N ASP A 265 33.39 -8.11 14.39
CA ASP A 265 34.20 -8.08 15.62
C ASP A 265 34.20 -6.63 16.11
N ALA A 266 34.13 -6.49 17.44
CA ALA A 266 33.96 -5.23 18.15
C ALA A 266 35.09 -4.88 19.10
N ASN A 267 35.92 -5.86 19.43
CA ASN A 267 36.94 -5.56 20.41
C ASN A 267 38.25 -5.22 19.73
N CYS A 268 38.25 -5.26 18.41
CA CYS A 268 39.43 -4.85 17.68
C CYS A 268 39.12 -3.53 17.01
N GLU A 269 40.18 -2.92 16.52
CA GLU A 269 40.13 -1.61 15.96
C GLU A 269 40.80 -1.68 14.59
N GLY A 270 40.15 -1.07 13.60
CA GLY A 270 40.65 -1.10 12.24
C GLY A 270 40.19 0.11 11.45
N ASP A 271 40.77 0.26 10.25
CA ASP A 271 40.50 1.37 9.35
C ASP A 271 40.65 1.00 7.87
N CYS A 272 40.42 -0.27 7.55
CA CYS A 272 40.44 -0.72 6.15
C CYS A 272 39.69 -2.05 5.95
N TYR A 273 38.77 -2.11 4.97
CA TYR A 273 37.88 -3.27 4.81
C TYR A 273 37.61 -3.67 3.36
N HIS A 274 37.26 -4.94 3.23
CA HIS A 274 36.85 -5.52 2.00
C HIS A 274 35.87 -6.61 2.34
N SER A 275 35.39 -7.28 1.31
CA SER A 275 34.36 -8.28 1.44
C SER A 275 34.74 -9.57 2.17
N GLY A 276 35.98 -9.67 2.64
CA GLY A 276 36.41 -10.89 3.30
C GLY A 276 37.00 -10.66 4.67
N GLY A 277 36.93 -9.41 5.10
CA GLY A 277 37.38 -9.07 6.43
C GLY A 277 38.19 -7.80 6.41
N THR A 278 39.03 -7.65 7.42
CA THR A 278 39.77 -6.44 7.66
C THR A 278 41.26 -6.59 7.32
N ILE A 279 41.86 -5.54 6.75
CA ILE A 279 43.29 -5.53 6.42
C ILE A 279 44.03 -4.62 7.42
N ILE A 280 44.60 -5.15 8.49
CA ILE A 280 45.39 -4.33 9.42
C ILE A 280 46.87 -4.52 9.06
N SER A 281 47.57 -3.41 8.79
CA SER A 281 48.96 -3.36 8.32
C SER A 281 49.59 -1.97 8.45
N ASN A 282 50.85 -1.94 8.91
CA ASN A 282 51.68 -0.72 8.83
C ASN A 282 52.36 -0.52 7.47
N LEU A 283 52.32 -1.58 6.65
CA LEU A 283 53.03 -1.58 5.39
C LEU A 283 52.36 -0.65 4.45
N PRO A 284 53.08 -0.20 3.43
CA PRO A 284 52.47 0.66 2.40
C PRO A 284 51.77 -0.10 1.28
N PHE A 285 51.92 -1.40 1.23
CA PHE A 285 51.33 -2.14 0.14
C PHE A 285 50.57 -3.31 0.63
N GLN A 286 49.83 -3.86 -0.31
CA GLN A 286 49.02 -4.99 -0.04
C GLN A 286 48.56 -5.63 -1.33
N ASN A 287 48.55 -6.94 -1.27
CA ASN A 287 48.09 -7.74 -2.36
C ASN A 287 46.97 -8.59 -1.82
N ILE A 288 45.78 -7.98 -1.71
CA ILE A 288 44.63 -8.61 -1.05
C ILE A 288 43.28 -8.42 -1.79
N ASP A 289 42.79 -7.18 -1.82
CA ASP A 289 41.51 -6.83 -2.47
C ASP A 289 41.63 -5.44 -3.14
N SER A 290 41.52 -5.37 -4.45
CA SER A 290 41.58 -4.08 -5.11
C SER A 290 40.40 -3.16 -4.72
N ARG A 291 39.28 -3.77 -4.30
CA ARG A 291 38.08 -3.00 -3.90
C ARG A 291 38.00 -2.78 -2.41
N ALA A 292 39.16 -2.86 -1.78
CA ALA A 292 39.32 -2.51 -0.40
C ALA A 292 39.11 -1.01 -0.32
N VAL A 293 38.36 -0.57 0.70
CA VAL A 293 38.02 0.84 0.78
C VAL A 293 38.26 1.41 2.21
N GLY A 294 38.65 2.70 2.31
CA GLY A 294 39.02 3.38 3.57
C GLY A 294 40.37 4.16 3.62
N LYS A 295 41.01 4.26 4.80
CA LYS A 295 42.38 4.81 4.93
C LYS A 295 43.42 3.67 4.83
N CYS A 296 43.70 3.28 3.58
CA CYS A 296 44.44 2.06 3.21
C CYS A 296 45.86 2.13 2.63
N PRO A 297 46.64 1.02 2.76
CA PRO A 297 47.80 0.94 1.88
C PRO A 297 47.37 0.61 0.45
N ARG A 298 48.28 0.86 -0.48
CA ARG A 298 47.98 0.77 -1.91
C ARG A 298 47.90 -0.66 -2.37
N TYR A 299 47.11 -0.89 -3.41
CA TYR A 299 47.05 -2.23 -3.88
C TYR A 299 48.21 -2.47 -4.85
N VAL A 300 48.77 -3.68 -4.78
CA VAL A 300 49.89 -4.07 -5.63
C VAL A 300 49.71 -5.48 -6.20
N LYS A 301 50.33 -5.76 -7.35
CA LYS A 301 50.23 -7.06 -8.06
C LYS A 301 51.08 -8.22 -7.50
N GLN A 302 52.35 -7.93 -7.16
CA GLN A 302 53.23 -8.96 -6.59
C GLN A 302 52.71 -9.37 -5.22
N ARG A 303 52.97 -10.61 -4.82
CA ARG A 303 52.38 -11.08 -3.58
C ARG A 303 53.17 -10.60 -2.39
N SER A 304 54.48 -10.44 -2.59
CA SER A 304 55.35 -10.10 -1.50
C SER A 304 56.63 -9.46 -2.04
N LEU A 305 57.09 -8.44 -1.32
CA LEU A 305 58.34 -7.74 -1.62
C LEU A 305 59.07 -7.55 -0.29
N LEU A 306 60.36 -7.86 -0.27
CA LEU A 306 61.19 -7.88 0.94
C LEU A 306 62.16 -6.72 1.00
N LEU A 307 62.07 -5.94 2.06
CA LEU A 307 62.99 -4.85 2.32
C LEU A 307 64.02 -5.29 3.37
N ALA A 308 65.31 -5.15 3.06
CA ALA A 308 66.36 -5.70 3.94
C ALA A 308 66.69 -4.74 5.07
N THR A 309 66.46 -5.18 6.30
CA THR A 309 66.79 -4.35 7.44
C THR A 309 68.16 -4.69 7.94
N GLY A 310 68.94 -5.25 7.03
CA GLY A 310 70.30 -5.60 7.35
C GLY A 310 71.29 -5.26 6.24
N MET A 311 72.58 -5.52 6.49
CA MET A 311 73.68 -5.27 5.54
C MET A 311 73.88 -6.42 4.58
N LYS A 312 74.92 -6.32 3.74
CA LYS A 312 75.16 -7.45 2.86
C LYS A 312 75.74 -8.62 3.63
N ASN A 313 75.59 -9.80 3.07
CA ASN A 313 76.04 -11.02 3.69
C ASN A 313 77.08 -11.76 2.85
N VAL A 314 78.32 -11.84 3.32
CA VAL A 314 79.33 -12.71 2.68
C VAL A 314 79.61 -14.00 3.47
N PRO A 315 79.07 -15.17 3.04
CA PRO A 315 79.23 -16.39 3.84
C PRO A 315 80.69 -16.68 4.09
N GLU A 316 80.99 -16.78 5.39
CA GLU A 316 82.34 -16.95 5.88
C GLU A 316 82.96 -18.19 5.17
N ILE A 317 84.10 -17.92 4.53
CA ILE A 317 84.95 -18.84 3.75
C ILE A 317 85.34 -20.13 4.47
N PHE B 3 81.33 0.30 -3.16
CA PHE B 3 82.59 0.82 -2.64
C PHE B 3 83.69 -0.18 -2.52
N GLY B 4 83.33 -1.47 -2.55
CA GLY B 4 84.38 -2.43 -2.64
C GLY B 4 84.71 -3.07 -1.33
N ALA B 5 84.22 -2.49 -0.25
CA ALA B 5 84.53 -3.03 1.06
C ALA B 5 83.88 -4.40 1.25
N ILE B 6 82.60 -4.43 1.52
CA ILE B 6 81.95 -5.70 1.74
C ILE B 6 81.90 -6.43 0.41
N ALA B 7 82.37 -7.68 0.40
CA ALA B 7 82.46 -8.48 -0.83
C ALA B 7 83.38 -7.98 -1.94
N GLY B 8 84.33 -7.13 -1.59
CA GLY B 8 85.36 -6.66 -2.48
C GLY B 8 86.66 -7.27 -1.97
N PHE B 9 87.41 -6.45 -1.25
CA PHE B 9 88.70 -6.85 -0.78
C PHE B 9 88.70 -7.45 0.66
N ILE B 10 87.70 -7.18 1.49
CA ILE B 10 87.45 -8.11 2.59
C ILE B 10 86.84 -9.39 2.06
N GLU B 11 87.39 -10.53 2.48
CA GLU B 11 87.09 -11.82 1.87
C GLU B 11 85.76 -12.25 2.41
N ASN B 12 85.49 -11.88 3.66
CA ASN B 12 84.21 -12.18 4.30
C ASN B 12 83.88 -11.56 5.63
N GLY B 13 82.73 -11.95 6.17
CA GLY B 13 82.28 -11.41 7.43
C GLY B 13 82.35 -12.41 8.54
N TRP B 14 82.11 -11.92 9.75
CA TRP B 14 82.38 -12.73 10.92
C TRP B 14 81.14 -13.12 11.67
N GLU B 15 80.77 -14.39 11.57
CA GLU B 15 79.54 -14.91 12.12
C GLU B 15 79.51 -14.95 13.65
N GLY B 16 80.62 -14.60 14.27
CA GLY B 16 80.70 -14.61 15.72
C GLY B 16 80.39 -13.25 16.33
N LEU B 17 80.18 -12.25 15.49
CA LEU B 17 80.07 -10.90 16.01
C LEU B 17 78.59 -10.54 16.25
N ILE B 18 78.06 -11.03 17.38
CA ILE B 18 76.64 -10.97 17.70
C ILE B 18 76.29 -9.55 18.04
N ASP B 19 77.29 -8.89 18.60
CA ASP B 19 77.14 -7.65 19.34
C ASP B 19 77.50 -6.46 18.50
N GLY B 20 77.26 -6.62 17.22
CA GLY B 20 77.40 -5.54 16.29
C GLY B 20 77.25 -6.05 14.87
N TRP B 21 77.21 -5.08 13.99
CA TRP B 21 77.22 -5.28 12.55
C TRP B 21 78.70 -5.23 12.21
N TYR B 22 79.39 -4.30 12.87
CA TYR B 22 80.83 -4.11 12.68
C TYR B 22 81.65 -4.33 13.94
N GLY B 23 82.80 -4.97 13.76
CA GLY B 23 83.67 -5.33 14.88
C GLY B 23 85.15 -5.35 14.58
N PHE B 24 85.94 -5.53 15.64
CA PHE B 24 87.41 -5.62 15.58
C PHE B 24 87.85 -7.09 15.79
N ARG B 25 89.06 -7.41 15.33
CA ARG B 25 89.64 -8.73 15.53
C ARG B 25 91.17 -8.64 15.37
N HIS B 26 91.89 -8.74 16.47
CA HIS B 26 93.33 -8.49 16.45
C HIS B 26 94.19 -9.68 16.84
N GLN B 27 95.51 -9.49 16.89
CA GLN B 27 96.45 -10.56 17.21
C GLN B 27 97.78 -9.93 17.59
N ASN B 28 98.39 -10.49 18.62
CA ASN B 28 99.69 -10.03 19.06
C ASN B 28 100.36 -11.15 19.84
N ALA B 29 101.26 -10.78 20.74
CA ALA B 29 101.97 -11.76 21.54
C ALA B 29 101.07 -12.34 22.63
N GLN B 30 99.82 -11.86 22.70
CA GLN B 30 98.88 -12.41 23.64
C GLN B 30 97.91 -13.45 23.03
N GLY B 31 97.23 -13.08 21.95
CA GLY B 31 96.30 -14.00 21.33
C GLY B 31 95.44 -13.30 20.30
N GLU B 32 94.21 -13.80 20.16
CA GLU B 32 93.22 -13.26 19.23
C GLU B 32 91.90 -13.03 19.97
N GLY B 33 91.22 -11.95 19.65
CA GLY B 33 89.94 -11.63 20.25
C GLY B 33 89.06 -10.87 19.29
N THR B 34 87.75 -11.12 19.38
CA THR B 34 86.75 -10.48 18.53
C THR B 34 85.94 -9.40 19.30
N ALA B 35 86.28 -8.16 19.00
CA ALA B 35 85.64 -7.01 19.62
C ALA B 35 84.53 -6.45 18.72
N ALA B 36 83.98 -5.30 19.07
CA ALA B 36 82.93 -4.75 18.24
C ALA B 36 83.12 -3.24 18.21
N ASP B 37 82.39 -2.55 17.33
CA ASP B 37 82.51 -1.10 17.26
C ASP B 37 81.10 -0.55 17.31
N TYR B 38 80.85 0.24 18.33
CA TYR B 38 79.50 0.71 18.59
C TYR B 38 79.02 1.74 17.57
N LYS B 39 79.85 2.74 17.23
CA LYS B 39 79.40 3.86 16.38
C LYS B 39 79.06 3.37 15.00
N SER B 40 80.01 2.64 14.42
CA SER B 40 79.89 2.11 13.08
C SER B 40 78.69 1.16 12.98
N THR B 41 78.42 0.39 14.04
CA THR B 41 77.23 -0.45 14.05
C THR B 41 75.99 0.43 14.22
N GLN B 42 76.05 1.36 15.17
CA GLN B 42 74.89 2.20 15.51
C GLN B 42 74.44 3.24 14.51
N SER B 43 75.38 3.83 13.77
CA SER B 43 75.02 4.78 12.74
C SER B 43 74.25 4.03 11.62
N ALA B 44 74.63 2.78 11.35
CA ALA B 44 73.94 1.95 10.35
C ALA B 44 72.56 1.49 10.79
N ILE B 45 72.41 1.24 12.07
CA ILE B 45 71.10 0.89 12.62
C ILE B 45 70.18 2.12 12.49
N ASP B 46 70.73 3.32 12.64
CA ASP B 46 69.94 4.55 12.53
C ASP B 46 69.35 4.75 11.15
N GLN B 47 70.01 4.22 10.15
CA GLN B 47 69.53 4.37 8.80
C GLN B 47 68.48 3.35 8.35
N ILE B 48 68.63 2.09 8.79
CA ILE B 48 67.74 0.99 8.35
C ILE B 48 66.33 1.23 8.92
N THR B 49 66.29 1.64 10.17
CA THR B 49 65.06 2.02 10.84
C THR B 49 64.56 3.48 10.57
N GLY B 50 65.32 4.27 9.82
CA GLY B 50 64.83 5.58 9.38
C GLY B 50 63.91 5.44 8.18
N LYS B 51 64.34 4.58 7.27
CA LYS B 51 63.58 4.20 6.10
C LYS B 51 62.31 3.53 6.50
N LEU B 52 62.42 2.80 7.60
CA LEU B 52 61.33 2.06 8.17
C LEU B 52 60.27 3.07 8.61
N ASN B 53 60.65 4.08 9.40
CA ASN B 53 59.69 5.08 9.91
C ASN B 53 59.08 5.99 8.87
N ARG B 54 59.51 5.84 7.64
CA ARG B 54 58.92 6.58 6.56
C ARG B 54 57.72 5.90 5.99
N LEU B 55 57.96 4.67 5.56
CA LEU B 55 56.91 3.94 4.91
C LEU B 55 55.75 3.66 5.87
N ILE B 56 55.99 3.73 7.19
CA ILE B 56 54.86 3.55 8.13
C ILE B 56 53.88 4.73 8.04
N GLU B 57 54.37 5.89 7.56
CA GLU B 57 53.51 7.06 7.43
C GLU B 57 52.44 6.77 6.39
N LYS B 58 51.22 6.58 6.88
CA LYS B 58 50.10 6.28 6.02
C LYS B 58 49.38 7.58 5.65
N THR B 59 48.19 7.40 5.06
CA THR B 59 47.48 8.53 4.53
C THR B 59 46.21 8.80 5.29
N ASN B 60 45.77 10.05 5.16
CA ASN B 60 44.53 10.54 5.76
C ASN B 60 43.42 10.84 4.75
N GLN B 61 43.57 10.29 3.54
CA GLN B 61 42.57 10.38 2.47
C GLN B 61 41.73 9.09 2.39
N GLN B 62 40.45 9.25 2.62
CA GLN B 62 39.54 8.12 2.61
C GLN B 62 38.87 8.03 1.23
N PHE B 63 38.50 6.81 0.80
CA PHE B 63 37.85 6.52 -0.50
C PHE B 63 36.64 5.57 -0.32
N GLU B 64 35.53 5.78 -1.04
CA GLU B 64 34.32 4.94 -0.83
C GLU B 64 34.19 3.75 -1.80
N LEU B 65 33.38 2.77 -1.40
CA LEU B 65 33.13 1.62 -2.25
C LEU B 65 32.24 2.13 -3.33
N ILE B 66 32.73 2.00 -4.55
CA ILE B 66 32.06 2.57 -5.69
C ILE B 66 31.41 1.50 -6.57
N ASP B 67 31.78 0.24 -6.37
CA ASP B 67 31.20 -0.86 -7.17
C ASP B 67 30.14 -1.62 -6.41
N ASN B 68 29.87 -2.83 -6.86
CA ASN B 68 28.92 -3.63 -6.14
C ASN B 68 29.07 -5.01 -6.69
N GLU B 69 29.34 -5.91 -5.77
CA GLU B 69 29.46 -7.33 -5.97
C GLU B 69 28.24 -8.15 -5.41
N PHE B 70 27.12 -7.47 -5.09
CA PHE B 70 25.86 -8.13 -4.71
C PHE B 70 24.81 -7.76 -5.74
N ASN B 71 24.48 -6.48 -5.81
CA ASN B 71 23.61 -5.96 -6.87
C ASN B 71 24.48 -5.19 -7.78
N GLU B 72 24.91 -5.84 -8.84
CA GLU B 72 25.92 -5.32 -9.74
C GLU B 72 25.47 -4.09 -10.53
N VAL B 73 26.43 -3.20 -10.78
CA VAL B 73 26.18 -1.98 -11.54
C VAL B 73 26.19 -2.28 -13.04
N GLU B 74 26.22 -1.24 -13.88
CA GLU B 74 26.13 -1.39 -15.34
C GLU B 74 27.45 -1.90 -15.96
N LYS B 75 27.42 -2.47 -17.16
CA LYS B 75 28.63 -3.06 -17.78
C LYS B 75 29.60 -2.11 -18.51
N GLN B 76 29.08 -1.04 -19.10
CA GLN B 76 29.86 -0.09 -19.89
C GLN B 76 30.69 0.74 -18.90
N ILE B 77 30.22 0.80 -17.67
CA ILE B 77 30.95 1.48 -16.63
C ILE B 77 31.90 0.55 -15.85
N GLY B 78 31.56 -0.73 -15.73
CA GLY B 78 32.45 -1.67 -15.05
C GLY B 78 33.82 -1.77 -15.75
N ASN B 79 33.80 -1.83 -17.09
CA ASN B 79 34.98 -1.82 -17.98
C ASN B 79 35.75 -0.52 -18.09
N VAL B 80 35.33 0.45 -17.28
CA VAL B 80 36.00 1.73 -17.14
C VAL B 80 36.49 1.90 -15.69
N ILE B 81 35.73 1.39 -14.76
CA ILE B 81 36.20 1.40 -13.41
C ILE B 81 37.17 0.28 -13.23
N ASN B 82 36.85 -0.88 -13.76
CA ASN B 82 37.86 -1.92 -13.80
C ASN B 82 39.02 -1.58 -14.73
N TRP B 83 38.94 -0.43 -15.40
CA TRP B 83 40.07 0.13 -16.17
C TRP B 83 40.96 1.13 -15.46
N THR B 84 40.33 1.87 -14.58
CA THR B 84 41.04 2.81 -13.79
C THR B 84 41.61 2.16 -12.59
N ARG B 85 40.86 1.23 -12.02
CA ARG B 85 41.36 0.55 -10.88
C ARG B 85 42.39 -0.46 -11.30
N ASP B 86 42.14 -1.17 -12.37
CA ASP B 86 43.17 -2.11 -12.81
C ASP B 86 44.36 -1.42 -13.49
N SER B 87 44.29 -0.10 -13.67
CA SER B 87 45.50 0.64 -14.03
C SER B 87 46.21 1.35 -12.87
N ILE B 88 45.48 1.68 -11.80
CA ILE B 88 46.10 2.09 -10.52
C ILE B 88 46.79 0.94 -9.84
N THR B 89 46.24 -0.23 -10.02
CA THR B 89 46.85 -1.42 -9.52
C THR B 89 48.22 -1.51 -10.19
N GLU B 90 48.26 -1.28 -11.51
CA GLU B 90 49.51 -1.38 -12.29
C GLU B 90 50.54 -0.26 -12.03
N VAL B 91 50.11 0.76 -11.29
CA VAL B 91 51.02 1.84 -10.98
C VAL B 91 51.73 1.60 -9.65
N TRP B 92 50.95 1.37 -8.60
CA TRP B 92 51.50 1.09 -7.29
C TRP B 92 52.20 -0.25 -7.31
N SER B 93 51.88 -1.11 -8.27
CA SER B 93 52.69 -2.31 -8.53
C SER B 93 53.95 -2.00 -9.31
N TYR B 94 54.06 -0.75 -9.72
CA TYR B 94 55.26 -0.27 -10.36
C TYR B 94 56.15 0.51 -9.45
N ASN B 95 55.54 1.18 -8.50
CA ASN B 95 56.33 1.90 -7.54
C ASN B 95 56.83 1.03 -6.42
N ALA B 96 55.98 0.12 -5.94
CA ALA B 96 56.45 -0.93 -5.08
C ALA B 96 57.47 -1.76 -5.81
N GLU B 97 57.39 -1.79 -7.12
CA GLU B 97 58.45 -2.40 -7.89
C GLU B 97 59.68 -1.53 -7.96
N LEU B 98 59.49 -0.25 -7.70
CA LEU B 98 60.61 0.64 -7.83
C LEU B 98 61.01 1.21 -6.49
N LEU B 99 60.05 1.57 -5.66
CA LEU B 99 60.42 2.05 -4.34
C LEU B 99 61.07 0.90 -3.52
N VAL B 100 60.46 -0.27 -3.47
CA VAL B 100 61.02 -1.43 -2.73
C VAL B 100 62.31 -1.88 -3.40
N ALA B 101 62.36 -1.87 -4.72
CA ALA B 101 63.59 -2.30 -5.35
C ALA B 101 64.73 -1.31 -5.06
N MET B 102 64.43 -0.01 -4.97
CA MET B 102 65.48 0.97 -4.71
C MET B 102 65.94 1.10 -3.26
N GLU B 103 65.00 1.19 -2.31
CA GLU B 103 65.35 1.30 -0.88
C GLU B 103 66.14 0.10 -0.38
N ASN B 104 66.11 -0.98 -1.14
CA ASN B 104 66.99 -2.09 -0.85
C ASN B 104 68.32 -1.89 -1.57
N GLN B 105 68.28 -1.44 -2.82
CA GLN B 105 69.53 -1.08 -3.50
C GLN B 105 70.42 -0.06 -2.80
N HIS B 106 69.79 0.88 -2.15
CA HIS B 106 70.42 1.95 -1.41
C HIS B 106 70.82 1.54 0.00
N THR B 107 70.38 0.37 0.42
CA THR B 107 70.61 -0.11 1.79
C THR B 107 71.97 -0.82 1.93
N ILE B 108 72.34 -1.66 0.98
CA ILE B 108 73.63 -2.35 1.06
C ILE B 108 74.81 -1.38 0.88
N ASP B 109 74.65 -0.34 0.06
CA ASP B 109 75.71 0.64 -0.13
C ASP B 109 75.99 1.52 1.08
N LEU B 110 75.03 1.62 1.99
CA LEU B 110 75.28 2.25 3.30
C LEU B 110 76.15 1.37 4.22
N ALA B 111 76.54 0.20 3.72
CA ALA B 111 77.44 -0.74 4.41
C ALA B 111 78.87 -0.75 3.83
N ASP B 112 79.03 -0.27 2.60
CA ASP B 112 80.35 -0.10 2.04
C ASP B 112 80.93 1.30 2.28
N SER B 113 80.06 2.28 2.55
CA SER B 113 80.54 3.63 2.95
C SER B 113 80.70 3.80 4.44
N GLU B 114 80.07 2.93 5.21
CA GLU B 114 80.36 2.84 6.65
C GLU B 114 81.55 1.88 6.89
N MET B 115 81.97 1.18 5.83
CA MET B 115 83.18 0.31 5.90
C MET B 115 84.46 1.01 5.41
N ASP B 116 84.34 1.91 4.43
CA ASP B 116 85.48 2.78 4.05
C ASP B 116 85.58 4.00 4.92
N LYS B 117 84.62 4.21 5.82
CA LYS B 117 84.72 5.29 6.77
C LYS B 117 85.42 4.85 8.12
N LEU B 118 85.34 3.54 8.49
CA LEU B 118 86.10 2.95 9.63
C LEU B 118 87.51 2.48 9.28
N TYR B 119 87.75 2.34 8.00
CA TYR B 119 89.00 1.87 7.50
C TYR B 119 89.98 2.96 7.14
N GLU B 120 89.45 4.09 6.67
CA GLU B 120 90.31 5.20 6.31
C GLU B 120 90.48 6.13 7.49
N ARG B 121 89.91 5.73 8.64
CA ARG B 121 90.13 6.45 9.90
C ARG B 121 91.21 5.83 10.77
N VAL B 122 91.17 4.51 10.89
CA VAL B 122 92.24 3.80 11.56
C VAL B 122 93.46 3.96 10.71
N LYS B 123 93.25 4.23 9.42
CA LYS B 123 94.37 4.53 8.55
C LYS B 123 94.99 5.89 8.86
N ARG B 124 94.31 6.68 9.68
CA ARG B 124 94.83 8.00 9.98
C ARG B 124 95.30 8.19 11.43
N GLN B 125 94.77 7.40 12.36
CA GLN B 125 95.29 7.37 13.74
C GLN B 125 96.68 6.74 13.79
N LEU B 126 96.85 5.63 13.07
CA LEU B 126 98.13 4.92 12.99
C LEU B 126 99.14 5.75 12.22
N ARG B 127 98.62 6.56 11.32
CA ARG B 127 99.41 7.47 10.49
C ARG B 127 100.45 6.75 9.66
N GLU B 128 101.72 7.05 10.01
CA GLU B 128 102.86 6.52 9.29
C GLU B 128 103.52 5.39 10.14
N ASN B 129 102.72 4.49 10.71
CA ASN B 129 103.18 3.44 11.65
C ASN B 129 102.78 2.00 11.24
N ALA B 130 102.03 1.85 10.15
CA ALA B 130 101.56 0.53 9.71
C ALA B 130 101.30 0.58 8.21
N GLU B 131 101.33 -0.58 7.58
CA GLU B 131 101.03 -0.70 6.16
C GLU B 131 99.92 -1.71 5.97
N GLU B 132 99.23 -1.63 4.83
CA GLU B 132 98.10 -2.51 4.57
C GLU B 132 98.47 -3.64 3.60
N ASP B 133 98.22 -4.89 4.03
CA ASP B 133 98.69 -6.09 3.32
C ASP B 133 97.87 -6.48 2.08
N GLY B 134 96.60 -6.82 2.25
CA GLY B 134 95.79 -7.23 1.12
C GLY B 134 94.35 -7.63 1.43
N THR B 135 94.15 -8.41 2.49
CA THR B 135 92.83 -8.92 2.85
C THR B 135 92.04 -7.93 3.67
N GLY B 136 92.63 -6.78 3.94
CA GLY B 136 91.92 -5.78 4.71
C GLY B 136 92.43 -5.55 6.11
N CYS B 137 93.73 -5.78 6.33
CA CYS B 137 94.31 -5.58 7.64
C CYS B 137 95.46 -4.55 7.61
N PHE B 138 95.85 -4.10 8.79
CA PHE B 138 96.96 -3.20 8.93
C PHE B 138 98.12 -4.00 9.56
N GLU B 139 99.15 -4.32 8.77
CA GLU B 139 100.31 -5.02 9.31
C GLU B 139 101.13 -4.18 10.28
N ILE B 140 101.00 -4.48 11.58
CA ILE B 140 101.77 -3.77 12.60
C ILE B 140 103.14 -4.42 12.74
N PHE B 141 104.19 -3.57 12.73
CA PHE B 141 105.58 -4.04 12.82
C PHE B 141 106.21 -3.61 14.16
N HIS B 142 105.37 -3.13 15.07
CA HIS B 142 105.85 -2.81 16.40
C HIS B 142 105.06 -3.60 17.42
N LYS B 143 105.26 -3.30 18.69
CA LYS B 143 104.54 -4.03 19.71
C LYS B 143 103.33 -3.30 20.19
N CYS B 144 102.22 -3.99 20.08
CA CYS B 144 100.98 -3.42 20.49
C CYS B 144 100.11 -4.54 21.06
N ASP B 145 99.85 -4.41 22.35
CA ASP B 145 99.23 -5.43 23.15
C ASP B 145 97.74 -5.16 23.32
N ASP B 146 97.14 -5.82 24.29
CA ASP B 146 95.71 -5.74 24.54
C ASP B 146 95.29 -4.34 24.97
N ASP B 147 96.14 -3.67 25.76
CA ASP B 147 95.89 -2.28 26.20
C ASP B 147 96.18 -1.19 25.16
N CYS B 148 97.11 -1.48 24.24
CA CYS B 148 97.43 -0.57 23.12
C CYS B 148 96.39 -0.56 22.00
N MET B 149 95.83 -1.74 21.70
CA MET B 149 94.77 -1.89 20.69
C MET B 149 93.49 -1.17 21.04
N ALA B 150 93.13 -1.24 22.31
CA ALA B 150 91.94 -0.58 22.81
C ALA B 150 92.07 0.93 22.77
N SER B 151 93.27 1.45 22.55
CA SER B 151 93.43 2.90 22.40
C SER B 151 93.19 3.34 20.98
N ILE B 152 93.30 2.43 20.02
CA ILE B 152 92.94 2.74 18.64
C ILE B 152 91.43 2.57 18.49
N ARG B 153 90.86 1.69 19.31
CA ARG B 153 89.41 1.46 19.31
C ARG B 153 88.67 2.73 19.69
N ASN B 154 88.94 3.29 20.88
CA ASN B 154 88.19 4.48 21.33
C ASN B 154 88.78 5.82 20.86
N ASN B 155 89.70 5.76 19.91
CA ASN B 155 90.26 6.94 19.26
C ASN B 155 90.98 7.83 20.32
N THR B 156 91.88 7.22 21.12
CA THR B 156 92.77 7.94 22.04
C THR B 156 94.20 7.56 21.76
N TYR B 157 94.39 6.72 20.74
CA TYR B 157 95.72 6.34 20.34
C TYR B 157 96.42 7.59 19.87
N ASP B 158 97.70 7.71 20.25
CA ASP B 158 98.52 8.84 19.85
C ASP B 158 99.55 8.31 18.83
N HIS B 159 99.70 9.03 17.71
CA HIS B 159 100.58 8.63 16.63
C HIS B 159 102.07 8.92 16.94
N SER B 160 102.36 9.98 17.70
CA SER B 160 103.75 10.33 18.06
C SER B 160 104.19 9.57 19.31
N LYS B 161 103.32 8.68 19.80
CA LYS B 161 103.62 7.82 20.96
C LYS B 161 104.38 6.56 20.59
N TYR B 162 104.16 6.03 19.38
CA TYR B 162 104.91 4.88 18.89
C TYR B 162 105.47 5.19 17.52
N ARG B 163 105.84 6.44 17.30
CA ARG B 163 106.15 6.90 15.95
C ARG B 163 107.52 6.45 15.43
N GLU B 164 108.51 6.41 16.30
CA GLU B 164 109.89 6.08 15.90
C GLU B 164 110.20 4.57 15.80
N GLU B 165 109.32 3.73 16.35
CA GLU B 165 109.56 2.27 16.38
C GLU B 165 109.13 1.59 15.13
N ALA B 166 107.98 2.01 14.64
CA ALA B 166 107.44 1.42 13.45
C ALA B 166 108.13 2.05 12.22
N MET B 167 108.66 3.27 12.35
CA MET B 167 109.48 3.77 11.25
C MET B 167 110.89 3.23 11.24
N GLN B 168 111.12 2.22 12.05
CA GLN B 168 112.41 1.57 12.18
C GLN B 168 112.30 0.07 11.98
N ASN B 169 111.07 -0.41 12.02
CA ASN B 169 110.87 -1.80 11.76
C ASN B 169 110.10 -1.97 10.44
N ARG B 170 109.56 -0.89 9.87
CA ARG B 170 108.92 -0.99 8.55
C ARG B 170 109.96 -0.92 7.38
N ILE B 171 110.84 0.08 7.38
CA ILE B 171 111.87 0.20 6.34
C ILE B 171 112.91 -0.94 6.44
N GLN B 172 113.14 -1.48 7.63
CA GLN B 172 114.10 -2.62 7.77
C GLN B 172 113.44 -3.99 7.62
N ASP C 1 -22.68 13.43 0.58
CA ASP C 1 -22.97 12.48 -0.50
C ASP C 1 -23.83 13.07 -1.61
N ILE C 2 -23.79 12.41 -2.74
CA ILE C 2 -24.41 12.88 -3.94
C ILE C 2 -25.87 12.64 -3.91
N VAL C 3 -26.60 13.73 -3.83
CA VAL C 3 -28.03 13.76 -3.65
C VAL C 3 -28.77 13.92 -4.97
N MET C 4 -29.86 13.18 -5.17
CA MET C 4 -30.42 13.03 -6.51
C MET C 4 -31.85 13.39 -6.55
N THR C 5 -32.26 13.79 -7.75
CA THR C 5 -33.62 14.20 -8.02
C THR C 5 -34.12 13.88 -9.42
N GLN C 6 -35.44 13.84 -9.51
CA GLN C 6 -36.15 13.61 -10.74
C GLN C 6 -37.39 14.50 -10.90
N SER C 7 -37.84 14.63 -12.15
CA SER C 7 -39.05 15.35 -12.50
C SER C 7 -39.54 14.88 -13.89
N PRO C 8 -40.87 14.70 -14.02
CA PRO C 8 -41.76 14.96 -12.89
C PRO C 8 -41.79 13.84 -11.89
N ASP C 9 -42.30 14.12 -10.70
CA ASP C 9 -42.45 13.07 -9.72
C ASP C 9 -43.33 12.03 -10.44
N SER C 10 -44.58 12.36 -10.75
CA SER C 10 -45.41 11.45 -11.56
C SER C 10 -45.92 12.03 -12.87
N LEU C 11 -45.75 11.24 -13.91
CA LEU C 11 -46.31 11.61 -15.19
C LEU C 11 -47.30 10.57 -15.65
N ALA C 12 -48.44 11.08 -16.04
CA ALA C 12 -49.46 10.25 -16.63
C ALA C 12 -49.46 10.65 -18.10
N VAL C 13 -48.64 9.96 -18.93
CA VAL C 13 -48.69 10.33 -20.29
C VAL C 13 -49.36 9.07 -21.04
N SER C 14 -50.16 9.32 -22.06
CA SER C 14 -51.00 8.32 -22.71
C SER C 14 -50.21 7.27 -23.49
N LEU C 15 -50.91 6.30 -24.07
CA LEU C 15 -50.25 5.21 -24.81
C LEU C 15 -49.68 5.65 -26.13
N GLY C 16 -48.41 5.36 -26.35
CA GLY C 16 -47.80 5.81 -27.58
C GLY C 16 -47.21 7.20 -27.40
N GLU C 17 -47.26 7.76 -26.20
CA GLU C 17 -46.69 9.09 -26.04
C GLU C 17 -45.22 9.00 -25.68
N ARG C 18 -44.44 9.84 -26.35
CA ARG C 18 -43.04 9.86 -26.07
C ARG C 18 -42.97 10.42 -24.67
N ALA C 19 -42.77 9.52 -23.72
CA ALA C 19 -42.69 9.93 -22.32
C ALA C 19 -41.28 10.39 -21.99
N THR C 20 -41.19 11.56 -21.42
CA THR C 20 -39.90 12.11 -21.17
C THR C 20 -39.72 12.30 -19.67
N ILE C 21 -38.73 11.61 -19.11
CA ILE C 21 -38.37 11.70 -17.70
C ILE C 21 -37.07 12.43 -17.52
N ASN C 22 -37.12 13.57 -16.84
CA ASN C 22 -35.91 14.33 -16.55
C ASN C 22 -35.31 14.02 -15.16
N CYS C 23 -33.97 13.89 -15.08
CA CYS C 23 -33.27 13.50 -13.82
C CYS C 23 -31.97 14.24 -13.60
N LYS C 24 -31.81 14.73 -12.37
CA LYS C 24 -30.67 15.54 -11.96
C LYS C 24 -29.76 14.92 -10.89
N SER C 25 -28.67 15.64 -10.63
CA SER C 25 -27.65 15.31 -9.63
C SER C 25 -26.98 16.51 -9.00
N SER C 26 -26.58 16.39 -7.74
CA SER C 26 -25.91 17.46 -7.03
C SER C 26 -24.45 17.45 -7.46
N GLN C 27 -23.74 16.37 -7.19
CA GLN C 27 -22.37 16.27 -7.62
C GLN C 27 -22.25 15.56 -8.99
N SER C 28 -21.22 15.88 -9.78
CA SER C 28 -21.02 15.35 -11.15
C SER C 28 -20.73 13.83 -11.11
N VAL C 29 -21.02 13.09 -12.19
CA VAL C 29 -20.78 11.63 -12.21
C VAL C 29 -20.06 11.12 -13.46
N LEU C 30 -19.36 12.03 -14.11
CA LEU C 30 -18.63 11.79 -15.34
C LEU C 30 -17.12 11.80 -15.09
N TYR C 31 -16.55 10.60 -14.98
CA TYR C 31 -15.12 10.42 -14.67
C TYR C 31 -14.30 11.04 -15.81
N SER C 32 -13.06 11.42 -15.50
CA SER C 32 -12.31 12.23 -16.44
C SER C 32 -11.55 11.44 -17.50
N SER C 33 -10.59 10.62 -17.06
CA SER C 33 -9.62 10.06 -17.99
C SER C 33 -10.20 8.95 -18.86
N ASN C 34 -11.42 8.53 -18.59
CA ASN C 34 -11.98 7.54 -19.49
C ASN C 34 -13.25 8.08 -20.07
N ASN C 35 -13.70 9.21 -19.52
CA ASN C 35 -14.85 9.93 -20.05
C ASN C 35 -16.12 9.06 -20.10
N LYS C 36 -16.60 8.61 -18.94
CA LYS C 36 -17.79 7.76 -18.85
C LYS C 36 -18.72 8.24 -17.74
N ASN C 37 -20.03 8.16 -17.99
CA ASN C 37 -21.03 8.54 -16.99
C ASN C 37 -21.57 7.39 -16.12
N TYR C 38 -21.43 7.51 -14.80
CA TYR C 38 -21.89 6.48 -13.89
C TYR C 38 -23.35 6.61 -13.55
N LEU C 39 -24.18 6.15 -14.46
CA LEU C 39 -25.61 6.31 -14.32
C LEU C 39 -26.41 5.10 -14.77
N ALA C 40 -27.36 4.66 -13.93
CA ALA C 40 -28.11 3.47 -14.29
C ALA C 40 -29.59 3.71 -14.16
N TRP C 41 -30.34 2.87 -14.86
CA TRP C 41 -31.77 2.99 -14.83
C TRP C 41 -32.28 1.62 -14.46
N TYR C 42 -33.32 1.63 -13.65
CA TYR C 42 -33.94 0.42 -13.15
C TYR C 42 -35.42 0.52 -13.16
N GLN C 43 -36.02 -0.66 -13.09
CA GLN C 43 -37.44 -0.80 -13.20
C GLN C 43 -37.93 -1.76 -12.15
N GLN C 44 -38.67 -1.23 -11.20
CA GLN C 44 -39.23 -2.04 -10.16
C GLN C 44 -40.73 -1.95 -10.25
N LYS C 45 -41.40 -3.07 -10.00
CA LYS C 45 -42.83 -3.01 -9.86
C LYS C 45 -43.07 -3.40 -8.41
N PRO C 46 -44.10 -2.83 -7.80
CA PRO C 46 -44.30 -3.05 -6.36
C PRO C 46 -44.31 -4.54 -5.91
N GLY C 47 -43.23 -4.99 -5.24
CA GLY C 47 -43.07 -6.39 -4.82
C GLY C 47 -41.95 -7.06 -5.57
N GLN C 48 -41.63 -6.45 -6.69
CA GLN C 48 -40.61 -6.98 -7.54
C GLN C 48 -39.34 -6.23 -7.10
N PRO C 49 -38.18 -6.81 -7.35
CA PRO C 49 -36.88 -6.13 -7.25
C PRO C 49 -36.56 -5.35 -8.51
N PRO C 50 -35.59 -4.45 -8.41
CA PRO C 50 -35.26 -3.71 -9.63
C PRO C 50 -34.71 -4.59 -10.78
N LYS C 51 -35.13 -4.26 -11.99
CA LYS C 51 -34.66 -4.85 -13.23
C LYS C 51 -33.75 -3.84 -13.94
N LEU C 52 -32.61 -4.27 -14.46
CA LEU C 52 -31.67 -3.34 -15.12
C LEU C 52 -32.17 -2.78 -16.45
N LEU C 53 -32.01 -1.47 -16.68
CA LEU C 53 -32.50 -0.85 -17.91
C LEU C 53 -31.40 -0.22 -18.75
N ILE C 54 -30.75 0.80 -18.23
CA ILE C 54 -29.73 1.46 -19.01
C ILE C 54 -28.54 1.62 -18.12
N TYR C 55 -27.37 1.41 -18.69
CA TYR C 55 -26.14 1.65 -17.96
C TYR C 55 -25.21 2.47 -18.81
N TRP C 56 -24.09 2.87 -18.21
CA TRP C 56 -23.18 3.81 -18.84
C TRP C 56 -23.87 5.03 -19.36
N ALA C 57 -25.05 5.30 -18.79
CA ALA C 57 -25.99 6.33 -19.25
C ALA C 57 -26.63 6.06 -20.61
N SER C 58 -25.80 5.82 -21.60
CA SER C 58 -26.25 5.74 -22.98
C SER C 58 -26.08 4.34 -23.57
N THR C 59 -26.01 3.32 -22.71
CA THR C 59 -25.90 1.94 -23.20
C THR C 59 -27.00 1.07 -22.67
N ARG C 60 -27.82 0.59 -23.59
CA ARG C 60 -28.95 -0.16 -23.19
C ARG C 60 -28.44 -1.48 -22.72
N GLU C 61 -29.19 -2.04 -21.78
CA GLU C 61 -28.97 -3.37 -21.29
C GLU C 61 -29.77 -4.30 -22.16
N SER C 62 -29.18 -5.44 -22.46
CA SER C 62 -29.85 -6.43 -23.29
C SER C 62 -31.16 -6.93 -22.65
N GLY C 63 -32.12 -7.36 -23.48
CA GLY C 63 -33.45 -7.70 -22.99
C GLY C 63 -34.36 -6.48 -22.95
N VAL C 64 -33.82 -5.29 -23.21
CA VAL C 64 -34.63 -4.09 -23.26
C VAL C 64 -34.90 -3.69 -24.72
N PRO C 65 -36.18 -3.69 -25.14
CA PRO C 65 -36.54 -3.36 -26.53
C PRO C 65 -36.17 -1.95 -26.98
N ASP C 66 -36.36 -1.66 -28.25
CA ASP C 66 -35.74 -0.48 -28.82
C ASP C 66 -36.29 0.85 -28.38
N ARG C 67 -37.50 0.88 -27.85
CA ARG C 67 -38.12 2.15 -27.49
C ARG C 67 -37.35 2.85 -26.37
N PHE C 68 -36.57 2.06 -25.63
CA PHE C 68 -35.79 2.60 -24.54
C PHE C 68 -34.50 3.12 -24.98
N SER C 69 -34.16 4.26 -24.41
CA SER C 69 -32.94 4.92 -24.79
C SER C 69 -32.58 5.90 -23.68
N GLY C 70 -31.30 5.93 -23.35
CA GLY C 70 -30.81 6.84 -22.35
C GLY C 70 -30.00 7.93 -23.01
N SER C 71 -30.17 9.15 -22.50
CA SER C 71 -29.49 10.31 -23.08
C SER C 71 -28.93 11.22 -22.01
N GLY C 72 -28.42 12.36 -22.44
CA GLY C 72 -27.89 13.31 -21.49
C GLY C 72 -26.48 12.93 -21.09
N SER C 73 -25.86 13.82 -20.32
CA SER C 73 -24.49 13.69 -19.76
C SER C 73 -24.26 14.61 -18.55
N GLY C 74 -23.15 14.40 -17.83
CA GLY C 74 -22.80 15.28 -16.73
C GLY C 74 -23.77 15.13 -15.59
N THR C 75 -24.58 16.17 -15.36
CA THR C 75 -25.49 16.19 -14.22
C THR C 75 -26.97 15.93 -14.56
N ASP C 76 -27.36 16.04 -15.84
CA ASP C 76 -28.77 15.85 -16.28
C ASP C 76 -29.02 14.83 -17.39
N PHE C 77 -30.00 13.94 -17.18
CA PHE C 77 -30.34 13.00 -18.23
C PHE C 77 -31.80 12.96 -18.52
N THR C 78 -32.15 12.02 -19.39
CA THR C 78 -33.52 11.79 -19.73
C THR C 78 -33.80 10.46 -20.41
N LEU C 79 -34.73 9.72 -19.84
CA LEU C 79 -35.24 8.54 -20.50
C LEU C 79 -36.44 8.80 -21.42
N THR C 80 -36.30 8.38 -22.67
CA THR C 80 -37.32 8.59 -23.70
C THR C 80 -37.80 7.27 -24.19
N ILE C 81 -38.90 6.88 -23.61
CA ILE C 81 -39.65 5.80 -24.17
C ILE C 81 -40.30 6.44 -25.41
N SER C 82 -39.72 6.15 -26.59
CA SER C 82 -40.12 6.72 -27.88
C SER C 82 -41.59 6.43 -28.17
N SER C 83 -41.99 5.24 -27.74
CA SER C 83 -43.35 4.78 -27.84
C SER C 83 -43.69 4.18 -26.49
N LEU C 84 -44.34 4.96 -25.63
CA LEU C 84 -44.71 4.45 -24.32
C LEU C 84 -45.72 3.31 -24.47
N GLN C 85 -45.42 2.22 -23.78
CA GLN C 85 -46.27 1.04 -23.83
C GLN C 85 -46.93 0.79 -22.49
N ALA C 86 -47.82 -0.20 -22.47
CA ALA C 86 -48.50 -0.65 -21.25
C ALA C 86 -47.70 -1.62 -20.38
N GLU C 87 -46.68 -2.20 -20.98
CA GLU C 87 -45.74 -2.99 -20.23
C GLU C 87 -44.84 -2.08 -19.41
N ASP C 88 -44.81 -0.81 -19.78
CA ASP C 88 -43.91 0.13 -19.12
C ASP C 88 -44.48 0.88 -17.89
N VAL C 89 -45.62 0.44 -17.39
CA VAL C 89 -46.17 0.98 -16.14
C VAL C 89 -45.37 0.59 -14.90
N ALA C 90 -44.33 1.33 -14.59
CA ALA C 90 -43.46 0.92 -13.51
C ALA C 90 -42.87 2.14 -12.89
N VAL C 91 -42.03 1.91 -11.88
CA VAL C 91 -41.36 2.97 -11.16
C VAL C 91 -39.91 2.96 -11.61
N TYR C 92 -39.47 4.13 -12.05
CA TYR C 92 -38.14 4.25 -12.60
C TYR C 92 -37.30 5.15 -11.70
N TYR C 93 -36.04 4.78 -11.50
CA TYR C 93 -35.16 5.52 -10.59
C TYR C 93 -33.94 5.84 -11.34
N CYS C 94 -33.32 6.92 -10.91
CA CYS C 94 -32.00 7.17 -11.32
C CYS C 94 -31.12 6.69 -10.19
N GLN C 95 -29.82 6.56 -10.46
CA GLN C 95 -28.84 6.08 -9.48
C GLN C 95 -27.44 6.52 -9.84
N GLN C 96 -26.69 6.92 -8.83
CA GLN C 96 -25.29 7.17 -9.02
C GLN C 96 -24.44 6.04 -8.50
N TYR C 97 -23.41 5.71 -9.26
CA TYR C 97 -22.43 4.79 -8.73
C TYR C 97 -21.05 5.44 -8.90
N TYR C 98 -21.02 6.75 -8.71
CA TYR C 98 -19.79 7.53 -8.82
C TYR C 98 -18.97 7.28 -7.54
N SER C 99 -19.29 8.00 -6.44
CA SER C 99 -18.53 7.85 -5.18
C SER C 99 -18.70 6.43 -4.80
N THR C 100 -17.98 5.87 -3.84
CA THR C 100 -18.29 4.47 -3.73
C THR C 100 -19.10 3.92 -2.57
N PRO C 101 -18.81 4.29 -1.31
CA PRO C 101 -19.52 3.27 -0.57
C PRO C 101 -20.81 3.94 -0.13
N GLY C 102 -21.50 4.52 -1.11
CA GLY C 102 -22.74 5.21 -0.88
C GLY C 102 -23.38 5.48 -2.24
N LEU C 103 -24.26 4.52 -2.61
CA LEU C 103 -24.87 4.60 -3.90
C LEU C 103 -26.26 5.20 -3.61
N THR C 104 -26.40 6.41 -4.15
CA THR C 104 -27.55 7.19 -4.00
C THR C 104 -28.39 7.01 -5.25
N PHE C 105 -29.64 6.68 -4.96
CA PHE C 105 -30.70 6.44 -5.89
C PHE C 105 -31.53 7.68 -5.85
N GLY C 106 -32.79 7.53 -6.18
CA GLY C 106 -33.60 8.71 -6.38
C GLY C 106 -34.90 8.66 -5.62
N GLY C 107 -35.77 9.54 -6.10
CA GLY C 107 -37.08 9.82 -5.56
C GLY C 107 -38.11 9.08 -6.37
N GLY C 108 -37.71 8.76 -7.60
CA GLY C 108 -38.50 7.89 -8.42
C GLY C 108 -39.41 8.68 -9.27
N THR C 109 -40.31 7.92 -9.90
CA THR C 109 -41.35 8.33 -10.84
C THR C 109 -42.17 7.15 -11.41
N LYS C 110 -43.49 7.30 -11.41
CA LYS C 110 -44.40 6.31 -11.97
C LYS C 110 -44.95 6.91 -13.25
N VAL C 111 -45.24 6.03 -14.19
CA VAL C 111 -45.69 6.44 -15.50
C VAL C 111 -46.97 5.69 -15.74
N GLU C 112 -48.06 6.31 -15.33
CA GLU C 112 -49.38 5.77 -15.62
C GLU C 112 -50.03 6.41 -16.80
N ILE C 113 -50.41 5.56 -17.72
CA ILE C 113 -50.95 5.92 -19.03
C ILE C 113 -52.26 6.66 -18.83
N LYS C 114 -52.52 7.75 -19.55
CA LYS C 114 -53.83 8.42 -19.40
C LYS C 114 -55.07 7.56 -19.76
N ARG C 115 -55.75 7.98 -20.83
CA ARG C 115 -57.05 7.54 -21.41
C ARG C 115 -58.00 8.70 -21.33
N THR C 116 -59.21 8.44 -21.83
CA THR C 116 -60.30 9.40 -21.81
C THR C 116 -60.78 9.68 -20.40
N VAL C 117 -61.13 10.93 -20.13
CA VAL C 117 -61.71 11.36 -18.87
C VAL C 117 -62.97 10.52 -18.59
N ALA C 118 -63.15 10.04 -17.35
CA ALA C 118 -64.34 9.25 -17.00
C ALA C 118 -64.88 9.68 -15.63
N ALA C 119 -66.15 10.07 -15.56
CA ALA C 119 -66.75 10.40 -14.27
C ALA C 119 -66.85 9.13 -13.42
N PRO C 120 -66.69 9.29 -12.08
CA PRO C 120 -66.85 8.18 -11.12
C PRO C 120 -68.27 7.67 -10.99
N SER C 121 -68.39 6.37 -10.74
CA SER C 121 -69.60 5.82 -10.19
C SER C 121 -69.55 5.82 -8.65
N VAL C 122 -70.58 6.33 -8.01
CA VAL C 122 -70.52 6.58 -6.56
C VAL C 122 -71.51 5.71 -5.81
N PHE C 123 -71.02 5.03 -4.76
CA PHE C 123 -71.85 4.17 -3.93
C PHE C 123 -71.63 4.49 -2.44
N ILE C 124 -72.70 4.48 -1.64
CA ILE C 124 -72.53 4.63 -0.20
C ILE C 124 -73.04 3.42 0.60
N PHE C 125 -72.26 3.00 1.60
CA PHE C 125 -72.60 1.85 2.44
C PHE C 125 -72.68 2.17 3.96
N PRO C 126 -73.84 1.96 4.61
CA PRO C 126 -73.93 2.06 6.09
C PRO C 126 -73.13 1.00 6.85
N PRO C 127 -72.82 1.27 8.13
CA PRO C 127 -72.22 0.23 8.97
C PRO C 127 -73.17 -0.92 9.14
N SER C 128 -72.61 -2.10 9.27
CA SER C 128 -73.41 -3.27 9.54
C SER C 128 -73.82 -3.26 11.00
N ASP C 129 -74.93 -3.92 11.31
CA ASP C 129 -75.36 -4.15 12.70
C ASP C 129 -74.33 -4.92 13.55
N GLU C 130 -73.59 -5.85 12.95
CA GLU C 130 -72.56 -6.62 13.67
C GLU C 130 -71.59 -5.59 14.18
N GLN C 131 -71.24 -4.64 13.32
CA GLN C 131 -70.30 -3.60 13.70
C GLN C 131 -70.83 -2.70 14.76
N LEU C 132 -72.07 -2.31 14.59
CA LEU C 132 -72.70 -1.43 15.55
C LEU C 132 -72.74 -2.12 16.93
N LYS C 133 -72.95 -3.45 16.97
CA LYS C 133 -72.95 -4.22 18.22
C LYS C 133 -71.58 -4.19 18.88
N SER C 134 -70.55 -3.98 18.08
CA SER C 134 -69.20 -3.87 18.60
C SER C 134 -68.89 -2.44 19.06
N GLY C 135 -69.79 -1.50 18.82
CA GLY C 135 -69.65 -0.18 19.38
C GLY C 135 -69.11 0.92 18.48
N THR C 136 -68.83 0.62 17.23
CA THR C 136 -68.36 1.66 16.32
C THR C 136 -69.11 1.63 15.02
N ALA C 137 -69.01 2.74 14.33
CA ALA C 137 -69.71 2.87 13.09
C ALA C 137 -68.79 3.42 12.04
N SER C 138 -68.54 2.61 11.02
CA SER C 138 -67.81 3.04 9.86
C SER C 138 -68.71 3.19 8.64
N VAL C 139 -68.69 4.39 8.07
CA VAL C 139 -69.39 4.71 6.83
C VAL C 139 -68.51 4.80 5.57
N VAL C 140 -68.91 4.09 4.51
CA VAL C 140 -68.10 3.98 3.30
C VAL C 140 -68.69 4.60 2.02
N CYS C 141 -67.87 5.37 1.29
CA CYS C 141 -68.23 5.96 0.00
C CYS C 141 -67.33 5.41 -1.12
N LEU C 142 -67.90 4.87 -2.20
CA LEU C 142 -67.09 4.31 -3.30
C LEU C 142 -67.12 5.08 -4.61
N LEU C 143 -65.94 5.40 -5.13
CA LEU C 143 -65.84 6.03 -6.43
C LEU C 143 -65.21 5.03 -7.36
N ASN C 144 -65.97 4.52 -8.30
CA ASN C 144 -65.47 3.39 -9.04
C ASN C 144 -65.11 3.77 -10.46
N ASN C 145 -63.94 3.31 -10.86
CA ASN C 145 -63.52 3.34 -12.26
C ASN C 145 -63.52 4.74 -12.89
N PHE C 146 -62.72 5.66 -12.35
CA PHE C 146 -62.65 7.06 -12.82
C PHE C 146 -61.27 7.51 -13.38
N TYR C 147 -61.25 8.62 -14.11
CA TYR C 147 -60.04 9.25 -14.70
C TYR C 147 -60.28 10.73 -15.04
N PRO C 148 -59.31 11.60 -14.68
CA PRO C 148 -58.01 11.27 -14.07
C PRO C 148 -58.03 10.98 -12.56
N ARG C 149 -56.85 10.78 -11.99
CA ARG C 149 -56.69 10.26 -10.64
C ARG C 149 -57.18 11.30 -9.64
N GLU C 150 -57.05 12.56 -10.02
CA GLU C 150 -57.39 13.68 -9.16
C GLU C 150 -58.91 13.68 -8.91
N ALA C 151 -59.30 13.59 -7.65
CA ALA C 151 -60.71 13.53 -7.25
C ALA C 151 -60.80 14.04 -5.82
N LYS C 152 -61.94 14.63 -5.44
CA LYS C 152 -62.13 15.20 -4.11
C LYS C 152 -63.42 14.64 -3.43
N VAL C 153 -63.38 14.23 -2.15
CA VAL C 153 -64.53 13.78 -1.34
C VAL C 153 -64.74 14.65 -0.12
N GLN C 154 -65.99 15.02 0.16
CA GLN C 154 -66.20 15.72 1.37
C GLN C 154 -67.26 15.00 2.21
N TRP C 155 -67.11 14.90 3.55
CA TRP C 155 -68.16 14.22 4.33
C TRP C 155 -68.97 15.21 5.11
N LYS C 156 -70.28 15.05 5.05
CA LYS C 156 -71.21 15.82 5.85
C LYS C 156 -72.16 14.92 6.64
N VAL C 157 -72.41 15.31 7.88
CA VAL C 157 -73.33 14.64 8.77
C VAL C 157 -74.32 15.72 9.18
N ASP C 158 -75.59 15.51 8.83
CA ASP C 158 -76.61 16.54 8.97
C ASP C 158 -76.15 17.91 8.45
N ASN C 159 -75.55 17.91 7.26
CA ASN C 159 -75.09 19.10 6.52
C ASN C 159 -73.86 19.84 7.13
N ALA C 160 -73.25 19.25 8.16
CA ALA C 160 -72.03 19.76 8.79
C ALA C 160 -70.75 19.04 8.29
N LEU C 161 -69.79 19.76 7.72
CA LEU C 161 -68.51 19.18 7.23
C LEU C 161 -67.65 18.49 8.30
N GLN C 162 -67.22 17.25 8.04
CA GLN C 162 -66.34 16.51 8.98
C GLN C 162 -64.86 16.76 8.73
N SER C 163 -64.10 16.93 9.81
CA SER C 163 -62.65 17.05 9.72
C SER C 163 -61.98 16.19 10.81
N GLY C 164 -61.00 15.39 10.40
CA GLY C 164 -60.11 14.68 11.31
C GLY C 164 -60.52 13.27 11.69
N ASN C 165 -61.73 12.85 11.31
CA ASN C 165 -62.20 11.52 11.72
C ASN C 165 -62.51 10.62 10.49
N SER C 166 -61.90 10.93 9.34
CA SER C 166 -61.92 10.05 8.17
C SER C 166 -60.54 9.76 7.57
N GLN C 167 -60.44 8.65 6.83
CA GLN C 167 -59.24 8.22 6.07
C GLN C 167 -59.57 7.62 4.66
N GLU C 168 -58.68 7.77 3.67
CA GLU C 168 -58.89 7.23 2.29
C GLU C 168 -57.67 6.53 1.60
N SER C 169 -57.93 5.70 0.58
CA SER C 169 -56.88 5.14 -0.32
C SER C 169 -57.27 4.92 -1.81
N VAL C 170 -56.26 4.79 -2.68
CA VAL C 170 -56.49 4.79 -4.14
C VAL C 170 -55.85 3.60 -4.75
N THR C 171 -56.55 3.01 -5.69
CA THR C 171 -56.05 1.87 -6.36
C THR C 171 -54.92 2.29 -7.37
N GLU C 172 -54.02 1.37 -7.79
CA GLU C 172 -53.19 1.63 -8.96
C GLU C 172 -54.17 1.75 -10.12
N GLN C 173 -53.79 2.44 -11.19
CA GLN C 173 -54.64 2.44 -12.38
C GLN C 173 -54.95 1.01 -12.83
N ASP C 174 -56.23 0.72 -13.09
CA ASP C 174 -56.70 -0.63 -13.44
C ASP C 174 -56.22 -0.98 -14.85
N SER C 175 -55.59 -2.14 -14.97
CA SER C 175 -55.05 -2.63 -16.22
C SER C 175 -56.08 -2.88 -17.27
N LYS C 176 -57.27 -3.26 -16.83
CA LYS C 176 -58.29 -3.73 -17.74
C LYS C 176 -58.83 -2.50 -18.44
N ASP C 177 -58.81 -1.38 -17.73
CA ASP C 177 -59.34 -0.14 -18.29
C ASP C 177 -58.63 1.20 -18.01
N SER C 178 -57.46 1.15 -17.37
CA SER C 178 -56.63 2.35 -17.16
C SER C 178 -57.31 3.36 -16.24
N THR C 179 -58.29 2.90 -15.48
CA THR C 179 -59.00 3.75 -14.52
C THR C 179 -58.50 3.58 -13.09
N TYR C 180 -59.00 4.43 -12.20
CA TYR C 180 -58.72 4.34 -10.78
C TYR C 180 -60.05 4.18 -10.05
N SER C 181 -59.97 3.68 -8.83
CA SER C 181 -61.12 3.65 -7.96
C SER C 181 -60.62 4.12 -6.61
N LEU C 182 -61.53 4.56 -5.75
CA LEU C 182 -61.14 5.21 -4.51
C LEU C 182 -62.10 4.84 -3.41
N SER C 183 -61.55 4.51 -2.24
CA SER C 183 -62.34 4.21 -1.07
C SER C 183 -62.12 5.16 0.12
N SER C 184 -63.20 5.71 0.67
CA SER C 184 -63.14 6.55 1.89
C SER C 184 -63.98 6.09 3.11
N THR C 185 -63.42 6.18 4.31
CA THR C 185 -64.09 5.77 5.56
C THR C 185 -64.22 6.85 6.63
N LEU C 186 -65.44 7.11 7.05
CA LEU C 186 -65.65 7.98 8.18
C LEU C 186 -65.83 7.12 9.43
N THR C 187 -65.02 7.38 10.45
CA THR C 187 -65.14 6.54 11.62
C THR C 187 -65.65 7.30 12.81
N LEU C 188 -66.74 6.78 13.33
CA LEU C 188 -67.35 7.32 14.51
C LEU C 188 -67.48 6.19 15.53
N SER C 189 -67.59 6.58 16.79
CA SER C 189 -68.01 5.69 17.85
C SER C 189 -69.47 5.31 17.56
N LYS C 190 -69.97 4.21 18.13
CA LYS C 190 -71.40 3.85 18.01
C LYS C 190 -72.27 4.99 18.45
N ALA C 191 -71.92 5.60 19.59
CA ALA C 191 -72.72 6.67 20.17
C ALA C 191 -72.92 7.85 19.23
N ASP C 192 -71.86 8.29 18.54
CA ASP C 192 -71.96 9.42 17.61
C ASP C 192 -72.86 9.07 16.40
N TYR C 193 -72.70 7.88 15.82
CA TYR C 193 -73.53 7.41 14.69
C TYR C 193 -75.04 7.37 14.88
N GLU C 194 -75.47 6.92 16.06
CA GLU C 194 -76.89 6.74 16.34
C GLU C 194 -77.55 8.08 16.68
N LYS C 195 -76.74 9.14 16.68
CA LYS C 195 -77.19 10.48 17.02
C LYS C 195 -77.63 11.28 15.79
N HIS C 196 -77.32 10.79 14.59
CA HIS C 196 -77.62 11.58 13.39
C HIS C 196 -78.46 10.78 12.37
N LYS C 197 -79.10 11.49 11.43
CA LYS C 197 -80.06 10.86 10.51
C LYS C 197 -79.56 10.76 9.08
N VAL C 198 -79.23 11.93 8.52
CA VAL C 198 -78.87 12.06 7.11
C VAL C 198 -77.36 12.02 6.99
N TYR C 199 -76.86 11.03 6.25
CA TYR C 199 -75.44 10.84 6.02
C TYR C 199 -75.09 11.02 4.54
N ALA C 200 -74.14 11.91 4.22
CA ALA C 200 -73.85 12.21 2.80
C ALA C 200 -72.37 12.34 2.37
N CYS C 201 -72.10 11.80 1.18
CA CYS C 201 -70.83 11.94 0.47
C CYS C 201 -70.94 12.84 -0.77
N GLU C 202 -70.10 13.85 -0.84
CA GLU C 202 -70.06 14.72 -2.01
C GLU C 202 -68.77 14.64 -2.81
N VAL C 203 -68.91 14.40 -4.10
CA VAL C 203 -67.77 14.14 -4.97
C VAL C 203 -67.55 15.19 -6.05
N THR C 204 -66.32 15.69 -6.17
CA THR C 204 -65.93 16.65 -7.20
C THR C 204 -64.93 16.02 -8.14
N HIS C 205 -65.13 16.22 -9.44
CA HIS C 205 -64.23 15.60 -10.39
C HIS C 205 -64.42 16.27 -11.76
N GLN C 206 -63.33 16.35 -12.52
CA GLN C 206 -63.32 17.04 -13.80
C GLN C 206 -64.39 16.50 -14.74
N GLY C 207 -64.68 15.20 -14.62
CA GLY C 207 -65.68 14.53 -15.44
C GLY C 207 -67.10 14.85 -15.05
N LEU C 208 -67.25 15.54 -13.93
CA LEU C 208 -68.58 15.91 -13.48
C LEU C 208 -68.76 17.39 -13.67
N SER C 209 -69.80 17.74 -14.42
CA SER C 209 -70.08 19.14 -14.65
C SER C 209 -70.47 19.78 -13.33
N SER C 210 -71.02 18.97 -12.43
CA SER C 210 -71.29 19.44 -11.07
C SER C 210 -70.96 18.37 -10.01
N PRO C 211 -70.59 18.81 -8.78
CA PRO C 211 -70.35 17.79 -7.75
C PRO C 211 -71.56 16.90 -7.50
N VAL C 212 -71.36 15.61 -7.24
CA VAL C 212 -72.52 14.72 -7.02
C VAL C 212 -72.57 14.25 -5.56
N THR C 213 -73.74 14.34 -4.97
CA THR C 213 -73.90 13.83 -3.62
C THR C 213 -74.79 12.59 -3.53
N LYS C 214 -74.32 11.54 -2.85
CA LYS C 214 -75.17 10.41 -2.47
C LYS C 214 -75.35 10.25 -0.97
N SER C 215 -76.59 9.91 -0.57
CA SER C 215 -76.94 9.85 0.85
C SER C 215 -78.00 8.80 1.22
N PHE C 216 -78.09 8.53 2.52
CA PHE C 216 -79.17 7.74 3.07
C PHE C 216 -79.51 8.37 4.40
N ASN C 217 -80.71 8.07 4.87
CA ASN C 217 -81.12 8.45 6.19
C ASN C 217 -80.95 7.22 7.07
N ARG C 218 -80.24 7.35 8.18
CA ARG C 218 -80.01 6.19 9.01
C ARG C 218 -81.29 5.60 9.48
N GLY C 219 -81.37 4.28 9.33
CA GLY C 219 -82.53 3.52 9.78
C GLY C 219 -83.64 3.60 8.73
N GLU C 220 -83.27 4.01 7.53
CA GLU C 220 -84.21 4.06 6.41
C GLU C 220 -83.68 3.32 5.21
N CYS C 221 -84.60 2.60 4.56
CA CYS C 221 -84.40 1.93 3.29
C CYS C 221 -85.67 1.22 2.85
N GLN D 1 -27.19 -20.87 -13.41
CA GLN D 1 -27.68 -19.51 -13.39
C GLN D 1 -27.61 -18.86 -12.04
N VAL D 2 -27.07 -17.65 -12.06
CA VAL D 2 -26.87 -16.81 -10.89
C VAL D 2 -28.23 -16.51 -10.38
N GLN D 3 -28.37 -16.55 -9.07
CA GLN D 3 -29.65 -16.31 -8.43
C GLN D 3 -29.48 -15.92 -6.97
N LEU D 4 -30.41 -15.18 -6.38
CA LEU D 4 -30.19 -14.89 -4.96
C LEU D 4 -31.48 -15.03 -4.18
N VAL D 5 -31.28 -15.11 -2.88
CA VAL D 5 -32.35 -15.31 -1.96
C VAL D 5 -31.98 -14.79 -0.59
N GLN D 6 -32.85 -13.95 -0.03
CA GLN D 6 -32.65 -13.43 1.31
C GLN D 6 -33.52 -14.22 2.32
N SER D 7 -33.23 -14.12 3.62
CA SER D 7 -34.05 -14.76 4.67
C SER D 7 -33.76 -14.19 6.10
N GLY D 8 -34.70 -14.30 7.04
CA GLY D 8 -34.47 -13.84 8.40
C GLY D 8 -35.38 -12.68 8.75
N GLY D 9 -36.43 -12.52 7.94
CA GLY D 9 -37.41 -11.46 8.08
C GLY D 9 -38.66 -11.82 8.86
N GLY D 10 -39.29 -10.83 9.47
CA GLY D 10 -40.49 -11.06 10.24
C GLY D 10 -40.88 -9.86 11.05
N LEU D 11 -41.33 -10.14 12.25
CA LEU D 11 -41.76 -9.10 13.16
C LEU D 11 -40.81 -9.04 14.35
N VAL D 12 -40.28 -7.86 14.61
CA VAL D 12 -39.36 -7.69 15.71
C VAL D 12 -39.76 -6.48 16.49
N GLN D 13 -39.17 -6.30 17.67
CA GLN D 13 -39.57 -5.16 18.44
C GLN D 13 -38.33 -4.33 18.62
N PRO D 14 -38.50 -2.99 18.55
CA PRO D 14 -37.36 -2.07 18.57
C PRO D 14 -36.51 -2.18 19.83
N GLY D 15 -35.25 -1.74 19.72
CA GLY D 15 -34.24 -1.93 20.74
C GLY D 15 -33.84 -3.41 20.78
N GLY D 16 -34.32 -4.17 19.79
CA GLY D 16 -34.06 -5.60 19.73
C GLY D 16 -33.10 -5.92 18.62
N SER D 17 -33.05 -7.20 18.25
CA SER D 17 -32.03 -7.58 17.30
C SER D 17 -32.44 -8.67 16.34
N LEU D 18 -31.92 -8.57 15.12
CA LEU D 18 -32.10 -9.64 14.14
C LEU D 18 -30.83 -9.84 13.34
N ARG D 19 -30.74 -11.02 12.74
CA ARG D 19 -29.59 -11.46 11.97
C ARG D 19 -30.00 -12.04 10.64
N LEU D 20 -30.00 -11.15 9.66
CA LEU D 20 -30.29 -11.50 8.28
C LEU D 20 -29.24 -12.39 7.59
N SER D 21 -29.64 -13.02 6.48
CA SER D 21 -28.76 -13.94 5.79
C SER D 21 -29.01 -14.08 4.28
N CYS D 22 -27.96 -14.09 3.44
CA CYS D 22 -28.03 -14.33 1.98
C CYS D 22 -27.44 -15.66 1.61
N ALA D 23 -27.95 -16.18 0.51
CA ALA D 23 -27.48 -17.40 -0.09
C ALA D 23 -27.34 -17.18 -1.58
N ALA D 24 -26.45 -17.96 -2.20
CA ALA D 24 -26.04 -17.77 -3.60
C ALA D 24 -26.11 -19.03 -4.46
N SER D 25 -25.80 -18.91 -5.75
CA SER D 25 -25.75 -20.03 -6.70
C SER D 25 -25.23 -19.54 -8.08
N GLY D 26 -24.34 -20.34 -8.70
CA GLY D 26 -23.89 -20.19 -10.10
C GLY D 26 -22.72 -19.22 -10.40
N PHE D 27 -21.78 -18.99 -9.45
CA PHE D 27 -20.56 -18.13 -9.65
C PHE D 27 -19.45 -18.13 -8.53
N ASN D 28 -18.18 -17.91 -8.89
CA ASN D 28 -17.13 -17.84 -7.88
C ASN D 28 -17.37 -16.77 -6.84
N PHE D 29 -17.78 -17.19 -5.66
CA PHE D 29 -18.32 -16.26 -4.68
C PHE D 29 -17.18 -15.37 -4.25
N SER D 30 -16.17 -16.04 -3.72
CA SER D 30 -15.14 -15.39 -2.93
C SER D 30 -14.43 -14.20 -3.59
N SER D 31 -14.73 -13.94 -4.85
CA SER D 31 -13.96 -12.99 -5.67
C SER D 31 -14.53 -11.53 -5.90
N TYR D 32 -15.77 -11.28 -5.45
CA TYR D 32 -16.53 -10.04 -5.71
C TYR D 32 -16.85 -9.09 -4.50
N GLU D 33 -17.45 -7.93 -4.81
CA GLU D 33 -17.93 -6.92 -3.81
C GLU D 33 -19.41 -7.13 -3.60
N MET D 34 -19.86 -7.12 -2.34
CA MET D 34 -21.25 -7.43 -2.06
C MET D 34 -22.02 -6.33 -1.37
N ASN D 35 -23.07 -5.81 -1.98
CA ASN D 35 -23.74 -4.75 -1.27
C ASN D 35 -25.00 -5.13 -0.45
N TRP D 36 -25.60 -4.12 0.16
CA TRP D 36 -26.89 -4.29 0.84
C TRP D 36 -27.80 -3.08 0.70
N VAL D 37 -29.00 -3.31 0.19
CA VAL D 37 -29.94 -2.23 -0.05
C VAL D 37 -31.34 -2.54 0.49
N ARG D 38 -31.88 -1.56 1.26
CA ARG D 38 -33.21 -1.64 1.87
C ARG D 38 -34.14 -0.55 1.32
N GLN D 39 -35.43 -0.84 1.39
CA GLN D 39 -36.44 0.07 0.90
C GLN D 39 -37.61 0.13 1.86
N ALA D 40 -37.74 1.27 2.54
CA ALA D 40 -38.84 1.45 3.49
C ALA D 40 -40.20 1.32 2.76
N PRO D 41 -41.29 1.06 3.51
CA PRO D 41 -42.59 0.86 2.90
C PRO D 41 -42.95 1.96 1.94
N GLY D 42 -42.86 1.70 0.64
CA GLY D 42 -43.22 2.75 -0.29
C GLY D 42 -42.30 3.94 -0.19
N LYS D 43 -41.00 3.71 -0.06
CA LYS D 43 -40.08 4.81 0.04
C LYS D 43 -38.99 4.58 -0.98
N GLY D 44 -37.89 5.31 -0.84
CA GLY D 44 -36.78 5.24 -1.78
C GLY D 44 -35.79 4.20 -1.31
N LEU D 45 -34.84 3.85 -2.18
CA LEU D 45 -33.82 2.86 -1.80
C LEU D 45 -32.63 3.42 -1.03
N GLU D 46 -32.06 2.57 -0.18
CA GLU D 46 -30.95 2.93 0.68
C GLU D 46 -29.88 1.87 0.84
N TRP D 47 -28.65 2.29 0.65
CA TRP D 47 -27.46 1.45 0.83
C TRP D 47 -27.05 1.23 2.28
N VAL D 48 -26.92 -0.01 2.68
CA VAL D 48 -26.60 -0.30 4.07
C VAL D 48 -25.07 -0.50 4.31
N SER D 49 -24.43 -1.51 3.69
CA SER D 49 -22.99 -1.83 3.90
C SER D 49 -22.47 -2.73 2.75
N TYR D 50 -21.14 -2.91 2.66
CA TYR D 50 -20.57 -3.85 1.68
C TYR D 50 -19.28 -4.52 2.18
N ILE D 51 -18.84 -5.57 1.49
CA ILE D 51 -17.56 -6.19 1.85
C ILE D 51 -16.76 -6.43 0.58
N SER D 52 -15.46 -6.21 0.65
CA SER D 52 -14.60 -6.37 -0.51
C SER D 52 -14.40 -7.84 -0.70
N SER D 53 -13.55 -8.16 -1.67
CA SER D 53 -13.32 -9.54 -2.07
C SER D 53 -12.75 -10.38 -0.89
N SER D 54 -11.64 -9.92 -0.31
CA SER D 54 -11.03 -10.65 0.77
C SER D 54 -11.74 -10.45 2.13
N GLY D 55 -12.79 -9.63 2.15
CA GLY D 55 -13.47 -9.30 3.39
C GLY D 55 -12.63 -8.40 4.26
N SER D 56 -11.59 -7.84 3.68
CA SER D 56 -10.64 -7.04 4.44
C SER D 56 -11.07 -5.63 4.64
N THR D 57 -12.15 -5.28 3.97
CA THR D 57 -12.73 -3.97 4.10
C THR D 57 -14.24 -4.06 4.13
N ILE D 58 -14.83 -3.25 5.01
CA ILE D 58 -16.27 -3.10 5.19
C ILE D 58 -16.55 -1.60 5.38
N TYR D 59 -17.66 -1.14 4.80
CA TYR D 59 -18.07 0.26 4.92
C TYR D 59 -19.58 0.29 5.17
N TYR D 60 -20.03 0.91 6.25
CA TYR D 60 -21.48 1.03 6.55
C TYR D 60 -22.10 2.41 6.21
N ALA D 61 -23.34 2.64 6.68
CA ALA D 61 -23.99 3.97 6.60
C ALA D 61 -24.20 4.55 7.99
N ASP D 62 -24.66 5.79 8.05
CA ASP D 62 -24.76 6.52 9.31
C ASP D 62 -26.02 6.25 10.16
N SER D 63 -27.05 5.71 9.52
CA SER D 63 -28.28 5.36 10.22
C SER D 63 -28.12 4.10 11.09
N VAL D 64 -27.11 3.31 10.73
CA VAL D 64 -26.73 2.04 11.35
C VAL D 64 -25.31 2.03 11.93
N LYS D 65 -24.77 3.23 12.10
CA LYS D 65 -23.46 3.38 12.67
C LYS D 65 -23.48 2.81 14.07
N GLY D 66 -22.88 1.62 14.23
CA GLY D 66 -22.91 1.02 15.54
C GLY D 66 -24.19 0.30 15.89
N ARG D 67 -24.95 -0.11 14.89
CA ARG D 67 -26.20 -0.78 15.24
C ARG D 67 -26.28 -2.04 14.40
N PHE D 68 -25.64 -2.00 13.22
CA PHE D 68 -25.63 -3.15 12.34
C PHE D 68 -24.23 -3.75 12.12
N THR D 69 -24.20 -5.03 11.78
CA THR D 69 -22.97 -5.77 11.59
C THR D 69 -23.04 -6.74 10.40
N ILE D 70 -22.55 -6.29 9.24
CA ILE D 70 -22.42 -7.16 8.05
C ILE D 70 -21.26 -8.12 8.20
N SER D 71 -21.45 -9.33 7.71
CA SER D 71 -20.44 -10.36 7.84
C SER D 71 -20.51 -11.45 6.75
N ARG D 72 -19.37 -12.03 6.38
CA ARG D 72 -19.29 -12.96 5.24
C ARG D 72 -18.85 -14.40 5.58
N ASP D 73 -18.74 -15.22 4.53
CA ASP D 73 -18.33 -16.62 4.63
C ASP D 73 -17.97 -17.07 3.19
N ASN D 74 -16.79 -17.60 2.91
CA ASN D 74 -16.50 -17.88 1.49
C ASN D 74 -16.50 -19.35 1.10
N ALA D 75 -16.21 -20.17 2.11
CA ALA D 75 -16.34 -21.63 2.12
C ALA D 75 -17.82 -22.00 2.08
N LYS D 76 -18.55 -21.48 3.06
CA LYS D 76 -19.96 -21.51 2.92
C LYS D 76 -20.24 -20.36 1.98
N ASN D 77 -21.42 -20.33 1.40
CA ASN D 77 -21.70 -19.29 0.44
C ASN D 77 -22.52 -18.14 1.00
N SER D 78 -22.32 -17.82 2.27
CA SER D 78 -23.26 -16.94 2.98
C SER D 78 -22.77 -15.50 3.32
N LEU D 79 -23.63 -14.51 3.06
CA LEU D 79 -23.44 -13.16 3.57
C LEU D 79 -24.51 -12.70 4.59
N TYR D 80 -24.04 -12.35 5.80
CA TYR D 80 -24.90 -12.00 6.93
C TYR D 80 -25.08 -10.52 7.28
N LEU D 81 -26.20 -10.25 7.91
CA LEU D 81 -26.42 -8.95 8.44
C LEU D 81 -27.07 -9.00 9.85
N GLN D 82 -26.25 -8.93 10.89
CA GLN D 82 -26.79 -8.81 12.22
C GLN D 82 -27.29 -7.38 12.44
N MET D 83 -28.42 -7.27 13.15
CA MET D 83 -29.05 -6.01 13.47
C MET D 83 -29.21 -5.86 14.94
N ASN D 84 -29.01 -4.67 15.46
CA ASN D 84 -29.18 -4.52 16.88
C ASN D 84 -29.73 -3.13 17.17
N SER D 85 -30.38 -2.94 18.32
CA SER D 85 -30.96 -1.64 18.67
C SER D 85 -31.84 -1.12 17.54
N LEU D 86 -32.79 -1.95 17.17
CA LEU D 86 -33.61 -1.67 16.05
C LEU D 86 -34.45 -0.45 16.36
N ARG D 87 -34.73 0.38 15.35
CA ARG D 87 -35.62 1.53 15.61
C ARG D 87 -36.72 1.38 14.59
N ALA D 88 -37.65 2.31 14.59
CA ALA D 88 -38.81 2.25 13.68
C ALA D 88 -38.58 2.80 12.26
N GLU D 89 -37.49 3.52 12.05
CA GLU D 89 -37.18 3.98 10.68
C GLU D 89 -36.52 2.81 9.94
N ASP D 90 -36.12 1.79 10.71
CA ASP D 90 -35.43 0.63 10.13
C ASP D 90 -36.48 -0.32 9.54
N THR D 91 -37.75 0.04 9.63
CA THR D 91 -38.80 -0.73 8.98
C THR D 91 -38.59 -0.63 7.47
N ALA D 92 -38.34 -1.80 6.85
CA ALA D 92 -38.04 -1.91 5.42
C ALA D 92 -38.06 -3.36 4.91
N VAL D 93 -37.81 -3.50 3.61
CA VAL D 93 -37.63 -4.79 2.94
C VAL D 93 -36.29 -4.72 2.25
N TYR D 94 -35.51 -5.81 2.30
CA TYR D 94 -34.10 -5.73 1.97
C TYR D 94 -33.72 -6.58 0.74
N TYR D 95 -32.74 -6.11 -0.05
CA TYR D 95 -32.33 -6.79 -1.30
C TYR D 95 -30.76 -6.82 -1.43
N CYS D 96 -30.27 -6.99 -2.66
CA CYS D 96 -29.02 -6.37 -3.25
C CYS D 96 -28.13 -7.13 -4.15
N ARG D 97 -26.98 -6.46 -4.37
CA ARG D 97 -25.74 -6.95 -4.96
C ARG D 97 -25.62 -6.31 -6.33
N LEU D 98 -24.40 -6.24 -6.86
CA LEU D 98 -24.21 -5.81 -8.26
C LEU D 98 -23.28 -6.78 -8.95
N LEU D 99 -22.74 -6.27 -10.07
CA LEU D 99 -21.42 -6.58 -10.64
C LEU D 99 -20.59 -5.38 -10.59
N TRP D 100 -19.33 -5.63 -10.27
CA TRP D 100 -18.50 -4.57 -9.84
C TRP D 100 -17.99 -4.18 -11.22
N PHE D 101 -16.71 -3.93 -11.21
CA PHE D 101 -15.77 -4.40 -12.15
C PHE D 101 -15.84 -3.23 -13.08
N GLY D 102 -15.23 -3.38 -14.24
CA GLY D 102 -15.32 -2.29 -15.18
C GLY D 102 -16.28 -2.81 -16.19
N GLU D 103 -15.78 -2.80 -17.42
CA GLU D 103 -16.24 -3.62 -18.51
C GLU D 103 -17.65 -4.04 -18.29
N LEU D 104 -17.84 -5.34 -18.15
CA LEU D 104 -19.06 -5.81 -18.72
C LEU D 104 -20.12 -6.22 -17.70
N PHE D 105 -21.11 -5.34 -17.55
CA PHE D 105 -22.53 -5.66 -17.41
C PHE D 105 -22.89 -5.05 -16.03
N PHE D 106 -22.99 -5.79 -14.92
CA PHE D 106 -24.21 -6.49 -14.40
C PHE D 106 -24.95 -6.05 -13.11
N ASP D 107 -26.21 -5.66 -13.29
CA ASP D 107 -27.33 -6.43 -12.73
C ASP D 107 -27.32 -6.98 -11.32
N TYR D 108 -28.52 -7.40 -10.98
CA TYR D 108 -28.81 -8.56 -10.15
C TYR D 108 -29.15 -8.23 -8.73
N TRP D 109 -30.35 -8.66 -8.36
CA TRP D 109 -30.99 -8.25 -7.14
C TRP D 109 -31.68 -9.54 -6.64
N GLY D 110 -32.21 -9.54 -5.42
CA GLY D 110 -32.84 -10.71 -4.82
C GLY D 110 -34.36 -10.55 -4.82
N GLN D 111 -35.12 -11.33 -4.05
CA GLN D 111 -36.60 -11.28 -4.16
C GLN D 111 -37.31 -10.64 -2.97
N GLY D 112 -36.64 -10.74 -1.83
CA GLY D 112 -36.92 -9.90 -0.68
C GLY D 112 -37.48 -10.48 0.60
N THR D 113 -37.54 -9.59 1.61
CA THR D 113 -37.98 -9.93 2.95
C THR D 113 -38.69 -8.83 3.74
N LEU D 114 -39.84 -9.18 4.32
CA LEU D 114 -40.57 -8.22 5.14
C LEU D 114 -40.00 -8.16 6.55
N VAL D 115 -39.38 -7.04 6.86
CA VAL D 115 -38.84 -6.73 8.19
C VAL D 115 -39.35 -5.41 8.80
N THR D 116 -40.23 -5.51 9.80
CA THR D 116 -40.82 -4.34 10.43
C THR D 116 -40.52 -4.25 11.93
N VAL D 117 -40.03 -3.08 12.33
CA VAL D 117 -39.66 -2.85 13.71
C VAL D 117 -40.81 -2.17 14.40
N SER D 118 -41.86 -2.98 14.53
CA SER D 118 -43.15 -2.68 15.17
C SER D 118 -43.25 -3.63 16.34
N SER D 119 -43.02 -3.11 17.54
CA SER D 119 -43.04 -3.93 18.76
C SER D 119 -44.41 -4.55 18.96
N ALA D 120 -45.46 -3.74 19.01
CA ALA D 120 -46.85 -4.22 18.98
C ALA D 120 -47.09 -5.71 18.64
N SER D 121 -48.17 -6.25 19.17
CA SER D 121 -48.52 -7.64 18.98
C SER D 121 -49.35 -7.85 17.72
N THR D 122 -49.20 -9.03 17.14
CA THR D 122 -49.97 -9.50 15.98
C THR D 122 -51.50 -9.59 16.17
N LYS D 123 -52.28 -9.21 15.16
CA LYS D 123 -53.74 -9.27 15.26
C LYS D 123 -54.57 -9.51 13.99
N GLY D 124 -55.48 -10.50 14.04
CA GLY D 124 -56.42 -10.80 12.95
C GLY D 124 -57.66 -9.91 12.81
N PRO D 125 -58.27 -9.83 11.61
CA PRO D 125 -59.41 -8.95 11.31
C PRO D 125 -60.83 -9.44 11.70
N SER D 126 -61.73 -8.49 11.86
CA SER D 126 -63.18 -8.71 11.83
C SER D 126 -63.80 -8.46 10.49
N VAL D 127 -64.77 -9.27 10.10
CA VAL D 127 -65.31 -9.07 8.78
C VAL D 127 -66.79 -8.74 8.76
N PHE D 128 -67.09 -7.58 8.17
CA PHE D 128 -68.43 -7.05 8.08
C PHE D 128 -68.83 -6.85 6.62
N PRO D 129 -70.11 -7.06 6.32
CA PRO D 129 -70.63 -6.91 4.96
C PRO D 129 -70.86 -5.43 4.62
N LEU D 130 -70.65 -5.09 3.36
CA LEU D 130 -71.09 -3.81 2.81
C LEU D 130 -72.27 -4.03 1.88
N ALA D 131 -73.48 -3.86 2.40
CA ALA D 131 -74.66 -4.35 1.72
C ALA D 131 -75.17 -3.40 0.65
N PRO D 132 -75.59 -3.95 -0.50
CA PRO D 132 -76.18 -3.25 -1.65
C PRO D 132 -77.63 -2.73 -1.44
N SER D 133 -77.92 -1.52 -1.92
CA SER D 133 -79.24 -0.91 -1.77
C SER D 133 -79.81 -0.39 -3.08
N GLY D 140 -78.88 -0.75 -13.05
CA GLY D 140 -78.51 -1.98 -13.73
C GLY D 140 -77.32 -2.62 -13.05
N THR D 141 -76.47 -1.79 -12.49
CA THR D 141 -75.24 -2.27 -11.87
C THR D 141 -75.28 -1.86 -10.40
N ALA D 142 -74.97 -2.81 -9.53
CA ALA D 142 -74.92 -2.59 -8.08
C ALA D 142 -73.51 -2.82 -7.52
N ALA D 143 -73.19 -2.16 -6.41
CA ALA D 143 -71.91 -2.41 -5.76
C ALA D 143 -72.10 -3.07 -4.40
N LEU D 144 -71.22 -4.03 -4.08
CA LEU D 144 -71.20 -4.70 -2.78
C LEU D 144 -69.76 -4.99 -2.34
N GLY D 145 -69.56 -5.35 -1.08
CA GLY D 145 -68.21 -5.55 -0.59
C GLY D 145 -68.07 -6.10 0.83
N CYS D 146 -66.82 -6.10 1.31
CA CYS D 146 -66.49 -6.56 2.67
C CYS D 146 -65.53 -5.58 3.27
N LEU D 147 -65.74 -5.27 4.54
CA LEU D 147 -64.78 -4.47 5.29
C LEU D 147 -63.88 -5.26 6.22
N VAL D 148 -62.58 -5.09 6.01
CA VAL D 148 -61.60 -5.78 6.80
C VAL D 148 -60.94 -4.78 7.70
N LYS D 149 -61.27 -4.82 8.99
CA LYS D 149 -60.93 -3.70 9.80
C LYS D 149 -60.09 -4.28 10.93
N ASP D 150 -59.12 -3.52 11.40
CA ASP D 150 -58.38 -3.80 12.64
C ASP D 150 -57.48 -5.07 12.69
N TYR D 151 -56.58 -5.22 11.72
CA TYR D 151 -55.61 -6.33 11.80
C TYR D 151 -54.17 -5.81 11.79
N PHE D 152 -53.23 -6.66 12.20
CA PHE D 152 -51.83 -6.26 12.25
C PHE D 152 -50.95 -7.48 12.41
N PRO D 153 -49.79 -7.53 11.69
CA PRO D 153 -49.29 -6.63 10.63
C PRO D 153 -49.75 -6.93 9.26
N GLU D 154 -49.31 -6.14 8.31
CA GLU D 154 -49.43 -6.50 6.92
C GLU D 154 -48.64 -7.76 6.69
N PRO D 155 -48.99 -8.54 5.63
CA PRO D 155 -50.11 -8.24 4.73
C PRO D 155 -51.29 -9.23 4.96
N VAL D 156 -52.39 -8.93 4.29
CA VAL D 156 -53.55 -9.82 3.99
C VAL D 156 -53.96 -10.15 2.62
N THR D 157 -54.65 -11.29 2.42
CA THR D 157 -55.22 -11.62 1.10
C THR D 157 -56.75 -11.71 1.11
N VAL D 158 -57.39 -11.21 0.05
CA VAL D 158 -58.85 -11.29 -0.16
C VAL D 158 -59.25 -11.88 -1.51
N SER D 159 -60.18 -12.83 -1.49
CA SER D 159 -60.80 -13.30 -2.74
C SER D 159 -62.34 -13.28 -2.74
N TRP D 160 -62.94 -13.46 -3.93
CA TRP D 160 -64.42 -13.53 -3.98
C TRP D 160 -64.82 -14.89 -4.57
N ASN D 161 -65.79 -15.56 -3.93
CA ASN D 161 -66.28 -16.87 -4.38
C ASN D 161 -65.17 -17.87 -4.63
N SER D 162 -64.23 -17.97 -3.68
CA SER D 162 -63.12 -18.90 -3.83
C SER D 162 -62.36 -18.64 -5.13
N GLY D 163 -62.30 -17.38 -5.53
CA GLY D 163 -61.58 -17.03 -6.74
C GLY D 163 -62.42 -17.14 -8.00
N ALA D 164 -63.70 -17.43 -7.86
CA ALA D 164 -64.56 -17.50 -9.04
C ALA D 164 -65.03 -16.14 -9.53
N LEU D 165 -64.91 -15.10 -8.74
CA LEU D 165 -65.32 -13.77 -9.19
C LEU D 165 -64.10 -12.86 -9.29
N THR D 166 -63.80 -12.45 -10.52
CA THR D 166 -62.60 -11.65 -10.78
C THR D 166 -63.00 -10.37 -11.46
N SER D 167 -63.89 -10.48 -12.43
CA SER D 167 -64.31 -9.35 -13.21
C SER D 167 -64.91 -8.29 -12.28
N GLY D 168 -64.38 -7.05 -12.37
CA GLY D 168 -64.99 -5.91 -11.70
C GLY D 168 -64.55 -5.74 -10.26
N VAL D 169 -63.61 -6.57 -9.82
CA VAL D 169 -63.11 -6.53 -8.46
C VAL D 169 -62.04 -5.50 -8.25
N HIS D 170 -62.14 -4.72 -7.18
CA HIS D 170 -61.08 -3.81 -6.74
C HIS D 170 -60.74 -4.00 -5.25
N THR D 171 -59.49 -4.36 -4.95
CA THR D 171 -58.97 -4.42 -3.55
C THR D 171 -57.98 -3.27 -3.21
N PHE D 172 -58.32 -2.46 -2.21
CA PHE D 172 -57.57 -1.23 -1.89
C PHE D 172 -56.38 -1.43 -0.95
N PRO D 173 -55.41 -0.52 -0.99
CA PRO D 173 -54.30 -0.47 -0.02
C PRO D 173 -54.74 -0.25 1.41
N ALA D 174 -54.06 -0.88 2.37
CA ALA D 174 -54.41 -0.69 3.76
C ALA D 174 -54.04 0.73 4.20
N VAL D 175 -54.76 1.21 5.22
CA VAL D 175 -54.43 2.45 5.92
C VAL D 175 -54.09 2.16 7.37
N LEU D 176 -53.26 3.01 7.98
CA LEU D 176 -52.90 2.77 9.36
C LEU D 176 -53.78 3.69 10.20
N GLN D 177 -54.55 3.11 11.10
CA GLN D 177 -55.39 3.92 11.98
C GLN D 177 -54.65 4.42 13.18
N SER D 178 -55.28 5.35 13.88
CA SER D 178 -54.67 5.97 15.03
C SER D 178 -54.44 4.90 16.09
N SER D 179 -55.13 3.78 15.95
CA SER D 179 -54.92 2.65 16.85
C SER D 179 -53.63 1.89 16.55
N GLY D 180 -53.05 2.11 15.37
CA GLY D 180 -51.84 1.40 14.98
C GLY D 180 -52.14 0.12 14.25
N LEU D 181 -53.42 -0.10 13.97
CA LEU D 181 -53.84 -1.23 13.18
C LEU D 181 -54.14 -0.84 11.75
N TYR D 182 -54.01 -1.79 10.83
CA TYR D 182 -54.30 -1.45 9.44
C TYR D 182 -55.75 -1.76 9.14
N SER D 183 -56.31 -1.10 8.14
CA SER D 183 -57.68 -1.38 7.72
C SER D 183 -57.80 -1.22 6.22
N LEU D 184 -58.44 -2.17 5.55
CA LEU D 184 -58.67 -2.02 4.11
C LEU D 184 -60.02 -2.58 3.68
N SER D 185 -60.48 -2.17 2.49
CA SER D 185 -61.75 -2.68 1.91
C SER D 185 -61.59 -3.36 0.53
N SER D 186 -62.45 -4.35 0.24
CA SER D 186 -62.52 -5.00 -1.10
C SER D 186 -63.93 -5.11 -1.72
N VAL D 187 -64.03 -4.76 -3.01
CA VAL D 187 -65.32 -4.71 -3.73
C VAL D 187 -65.37 -5.37 -5.10
N VAL D 188 -66.59 -5.65 -5.55
CA VAL D 188 -66.81 -6.16 -6.91
C VAL D 188 -68.08 -5.56 -7.46
N THR D 189 -68.08 -5.27 -8.76
CA THR D 189 -69.28 -4.79 -9.40
C THR D 189 -69.84 -5.94 -10.23
N VAL D 190 -71.17 -6.08 -10.12
CA VAL D 190 -71.88 -7.16 -10.74
C VAL D 190 -73.24 -6.64 -11.24
N PRO D 191 -73.94 -7.40 -12.11
CA PRO D 191 -75.26 -6.95 -12.56
C PRO D 191 -76.27 -6.89 -11.42
N SER D 192 -77.06 -5.81 -11.32
CA SER D 192 -78.10 -5.74 -10.30
C SER D 192 -78.98 -6.99 -10.31
N SER D 193 -79.20 -7.55 -11.50
CA SER D 193 -80.08 -8.69 -11.68
C SER D 193 -79.51 -9.99 -11.07
N SER D 194 -78.24 -9.97 -10.69
CA SER D 194 -77.58 -11.16 -10.17
C SER D 194 -77.77 -11.31 -8.66
N LEU D 195 -78.26 -10.25 -8.02
CA LEU D 195 -78.45 -10.27 -6.57
C LEU D 195 -79.76 -10.97 -6.27
N GLY D 196 -79.69 -12.20 -5.79
CA GLY D 196 -80.89 -13.00 -5.59
C GLY D 196 -80.79 -14.44 -6.07
N THR D 197 -80.05 -14.62 -7.15
CA THR D 197 -79.76 -15.93 -7.70
C THR D 197 -78.36 -16.29 -7.25
N GLN D 198 -77.48 -15.30 -7.23
CA GLN D 198 -76.06 -15.54 -7.08
C GLN D 198 -75.56 -15.15 -5.71
N THR D 199 -74.85 -16.10 -5.12
CA THR D 199 -74.22 -15.85 -3.86
C THR D 199 -72.84 -15.25 -4.04
N TYR D 200 -72.55 -14.21 -3.28
CA TYR D 200 -71.22 -13.60 -3.28
C TYR D 200 -70.61 -13.73 -1.89
N ILE D 201 -69.42 -14.30 -1.86
CA ILE D 201 -68.69 -14.53 -0.63
C ILE D 201 -67.27 -14.06 -0.76
N CYS D 202 -66.85 -13.26 0.20
CA CYS D 202 -65.45 -12.87 0.26
C CYS D 202 -64.65 -13.79 1.20
N ASN D 203 -63.48 -14.22 0.71
CA ASN D 203 -62.57 -15.14 1.41
C ASN D 203 -61.31 -14.45 1.83
N VAL D 204 -61.10 -14.39 3.14
CA VAL D 204 -60.01 -13.61 3.66
C VAL D 204 -58.93 -14.42 4.37
N ASN D 205 -57.68 -14.14 4.00
CA ASN D 205 -56.55 -14.80 4.63
C ASN D 205 -55.55 -13.78 5.20
N HIS D 206 -55.29 -13.91 6.49
CA HIS D 206 -54.30 -13.12 7.19
C HIS D 206 -53.30 -14.05 7.80
N LYS D 207 -52.25 -14.31 7.04
CA LYS D 207 -51.27 -15.30 7.41
C LYS D 207 -50.54 -14.91 8.73
N PRO D 208 -50.34 -13.59 9.02
CA PRO D 208 -49.64 -13.38 10.31
C PRO D 208 -50.37 -13.95 11.56
N SER D 209 -51.69 -14.04 11.55
CA SER D 209 -52.42 -14.63 12.67
C SER D 209 -53.12 -15.98 12.41
N ASN D 210 -52.84 -16.62 11.27
CA ASN D 210 -53.51 -17.86 10.86
C ASN D 210 -55.00 -17.96 11.04
N THR D 211 -55.67 -16.91 10.59
CA THR D 211 -57.10 -16.77 10.67
C THR D 211 -57.82 -16.83 9.32
N LYS D 212 -59.01 -17.41 9.28
CA LYS D 212 -59.65 -17.59 8.00
C LYS D 212 -61.14 -17.43 8.22
N VAL D 213 -61.72 -16.42 7.58
CA VAL D 213 -63.13 -16.08 7.76
C VAL D 213 -63.77 -15.94 6.42
N ASP D 214 -64.88 -16.63 6.23
CA ASP D 214 -65.72 -16.27 5.13
C ASP D 214 -66.95 -15.57 5.69
N LYS D 215 -67.23 -14.43 5.09
CA LYS D 215 -68.34 -13.58 5.50
C LYS D 215 -69.14 -13.31 4.22
N ARG D 216 -70.35 -13.82 4.16
CA ARG D 216 -71.22 -13.56 3.03
C ARG D 216 -71.87 -12.17 3.04
N VAL D 217 -71.84 -11.47 1.91
CA VAL D 217 -72.40 -10.11 1.82
C VAL D 217 -73.70 -10.01 1.01
N GLU D 218 -74.76 -9.71 1.75
CA GLU D 218 -76.13 -9.65 1.25
C GLU D 218 -76.79 -8.26 1.29
N PRO D 219 -77.66 -7.95 0.31
CA PRO D 219 -78.55 -6.77 0.35
C PRO D 219 -79.56 -6.69 1.56
N LYS D 220 -79.83 -5.49 2.05
CA LYS D 220 -80.67 -5.28 3.24
C LYS D 220 -81.83 -4.32 2.99
#